data_3ZH8
#
_entry.id   3ZH8
#
_cell.length_a   113.580
_cell.length_b   113.580
_cell.length_c   82.410
_cell.angle_alpha   90.00
_cell.angle_beta   90.00
_cell.angle_gamma   120.00
#
_symmetry.space_group_name_H-M   'P 31'
#
loop_
_entity.id
_entity.type
_entity.pdbx_description
1 polymer 'PROTEIN KINASE C IOTA TYPE'
2 non-polymer 'IODIDE ION'
3 non-polymer 'CHLORIDE ION'
4 non-polymer (2S)-3-phenyl-N~1~-[2-(pyridin-4-yl)-5,6,7,8-tetrahydro[1]benzothieno[2,3-d]pyrimidin-4-yl]propane-1,2-diamine
5 non-polymer 1,2-ETHANEDIOL
6 water water
#
_entity_poly.entity_id   1
_entity_poly.type   'polypeptide(L)'
_entity_poly.pdbx_seq_one_letter_code
;SLGLQDFDLLRVIGRGSYAKVLLVRLKKTDRIYAMKVVKKELVNDDEDIDWVQTEKHVFEQASNHPFLVGLHSCFQTESR
LFFVIEYVNGGDLMFHMQRQRKLPEEHARFYSAEISLALNYLHERGIIYRDLKLDNVLLDSEGHIKLTDYGMCKEGLRPG
DTTS(TPO)FCGTPNYIAPEILRGEDYGFSVDWWALGVLMFEMMAGRSPFDIVGSSDNPDQNTEDYLFQVILEKQIRIPR
SLSVKAASVLKSFLNKDPKERLGCHPQTGFADIQGHPFFRNVDWDMMEQKQVVPPFKPNISGEFGLDNFDSQFTNEPVQL
(TPO)PDDDDIVRKIDQSEFEGFEYINPLLMSAEESV
;
_entity_poly.pdbx_strand_id   A,B,C
#
loop_
_chem_comp.id
_chem_comp.type
_chem_comp.name
_chem_comp.formula
C58 non-polymer (2S)-3-phenyl-N~1~-[2-(pyridin-4-yl)-5,6,7,8-tetrahydro[1]benzothieno[2,3-d]pyrimidin-4-yl]propane-1,2-diamine 'C24 H25 N5 S'
CL non-polymer 'CHLORIDE ION' 'Cl -1'
EDO non-polymer 1,2-ETHANEDIOL 'C2 H6 O2'
IOD non-polymer 'IODIDE ION' 'I -1'
#
# COMPACT_ATOMS: atom_id res chain seq x y z
N SER A 1 15.76 -15.26 -6.64
CA SER A 1 14.72 -14.31 -6.28
C SER A 1 14.71 -13.11 -7.24
N LEU A 2 14.80 -11.91 -6.68
CA LEU A 2 14.77 -10.69 -7.50
C LEU A 2 16.07 -10.47 -8.25
N GLY A 3 15.99 -9.64 -9.29
CA GLY A 3 17.14 -9.31 -10.11
C GLY A 3 16.79 -8.18 -11.06
N LEU A 4 17.76 -7.72 -11.84
CA LEU A 4 17.54 -6.59 -12.74
C LEU A 4 16.44 -6.90 -13.76
N GLN A 5 16.30 -8.18 -14.11
CA GLN A 5 15.28 -8.59 -15.06
C GLN A 5 13.89 -8.21 -14.56
N ASP A 6 13.69 -8.32 -13.25
CA ASP A 6 12.39 -8.06 -12.65
C ASP A 6 12.08 -6.57 -12.50
N PHE A 7 12.93 -5.72 -13.08
CA PHE A 7 12.78 -4.28 -12.92
C PHE A 7 12.94 -3.50 -14.21
N ASP A 8 12.40 -2.28 -14.22
CA ASP A 8 12.60 -1.35 -15.32
C ASP A 8 13.32 -0.12 -14.80
N LEU A 9 14.54 0.10 -15.28
CA LEU A 9 15.35 1.21 -14.83
C LEU A 9 14.85 2.52 -15.46
N LEU A 10 13.94 3.19 -14.77
CA LEU A 10 13.30 4.39 -15.27
C LEU A 10 14.24 5.59 -15.38
N ARG A 11 14.81 6.03 -14.26
CA ARG A 11 15.68 7.20 -14.26
C ARG A 11 16.63 7.25 -13.06
N VAL A 12 17.63 8.13 -13.15
CA VAL A 12 18.56 8.37 -12.06
C VAL A 12 18.06 9.52 -11.20
N ILE A 13 18.03 9.31 -9.88
CA ILE A 13 17.48 10.30 -8.96
C ILE A 13 18.48 10.71 -7.88
N GLY A 14 19.66 10.11 -7.91
CA GLY A 14 20.69 10.42 -6.94
C GLY A 14 22.03 9.83 -7.33
N ARG A 15 23.11 10.54 -7.03
CA ARG A 15 24.45 10.06 -7.37
C ARG A 15 25.54 10.69 -6.52
N GLY A 16 26.09 9.88 -5.62
CA GLY A 16 27.26 10.26 -4.85
C GLY A 16 28.48 9.59 -5.45
N SER A 17 29.57 9.54 -4.68
CA SER A 17 30.77 8.85 -5.11
C SER A 17 30.65 7.36 -4.88
N TYR A 18 30.14 6.99 -3.69
CA TYR A 18 30.04 5.61 -3.27
C TYR A 18 28.76 4.94 -3.78
N ALA A 19 27.68 5.70 -3.84
CA ALA A 19 26.37 5.13 -4.14
C ALA A 19 25.64 5.86 -5.26
N LYS A 20 24.75 5.13 -5.93
CA LYS A 20 23.93 5.67 -7.00
C LYS A 20 22.48 5.20 -6.81
N VAL A 21 21.53 6.11 -7.01
CA VAL A 21 20.13 5.78 -6.77
C VAL A 21 19.26 5.94 -8.03
N LEU A 22 18.54 4.88 -8.36
CA LEU A 22 17.70 4.87 -9.55
C LEU A 22 16.22 4.80 -9.17
N LEU A 23 15.39 5.40 -10.01
CA LEU A 23 13.95 5.20 -9.94
C LEU A 23 13.60 3.97 -10.78
N VAL A 24 12.91 2.99 -10.17
CA VAL A 24 12.62 1.74 -10.86
C VAL A 24 11.16 1.30 -10.75
N ARG A 25 10.76 0.38 -11.61
CA ARG A 25 9.41 -0.18 -11.59
C ARG A 25 9.44 -1.70 -11.54
N LEU A 26 8.85 -2.28 -10.50
CA LEU A 26 8.73 -3.73 -10.40
C LEU A 26 7.77 -4.20 -11.49
N LYS A 27 8.30 -4.90 -12.48
CA LYS A 27 7.52 -5.26 -13.67
C LYS A 27 6.20 -5.95 -13.36
N LYS A 28 6.26 -7.06 -12.62
CA LYS A 28 5.09 -7.90 -12.38
C LYS A 28 4.07 -7.30 -11.41
N THR A 29 4.36 -6.12 -10.88
CA THR A 29 3.45 -5.47 -9.93
C THR A 29 3.10 -4.05 -10.36
N ASP A 30 3.91 -3.50 -11.25
CA ASP A 30 3.69 -2.13 -11.74
C ASP A 30 3.78 -1.10 -10.63
N ARG A 31 4.53 -1.42 -9.57
CA ARG A 31 4.71 -0.48 -8.49
C ARG A 31 6.07 0.19 -8.61
N ILE A 32 6.15 1.42 -8.14
CA ILE A 32 7.37 2.21 -8.27
C ILE A 32 8.21 2.19 -7.01
N TYR A 33 9.52 2.02 -7.18
CA TYR A 33 10.44 1.97 -6.05
C TYR A 33 11.70 2.77 -6.34
N ALA A 34 12.45 3.07 -5.28
CA ALA A 34 13.77 3.70 -5.42
C ALA A 34 14.83 2.64 -5.17
N MET A 35 15.85 2.62 -6.02
CA MET A 35 16.89 1.60 -5.92
C MET A 35 18.28 2.19 -5.66
N LYS A 36 18.93 1.70 -4.60
CA LYS A 36 20.26 2.16 -4.20
C LYS A 36 21.33 1.13 -4.59
N VAL A 37 22.24 1.53 -5.47
CA VAL A 37 23.26 0.63 -5.99
C VAL A 37 24.67 1.02 -5.53
N VAL A 38 25.41 0.03 -5.04
CA VAL A 38 26.78 0.26 -4.58
C VAL A 38 27.75 -0.84 -5.04
N LYS A 39 28.90 -0.42 -5.56
CA LYS A 39 29.93 -1.36 -6.00
C LYS A 39 30.49 -2.11 -4.79
N LYS A 40 30.36 -3.44 -4.82
CA LYS A 40 30.75 -4.26 -3.67
C LYS A 40 32.24 -4.16 -3.37
N GLU A 41 33.05 -3.82 -4.38
CA GLU A 41 34.49 -3.64 -4.16
C GLU A 41 34.74 -2.47 -3.20
N LEU A 42 33.96 -1.40 -3.36
CA LEU A 42 34.08 -0.23 -2.48
C LEU A 42 33.53 -0.50 -1.09
N VAL A 43 32.61 -1.46 -1.00
CA VAL A 43 32.03 -1.86 0.28
C VAL A 43 33.07 -2.58 1.14
N ASN A 44 33.96 -3.31 0.48
CA ASN A 44 35.03 -4.02 1.18
C ASN A 44 36.18 -3.11 1.55
N ASP A 45 36.49 -2.17 0.64
CA ASP A 45 37.66 -1.32 0.79
C ASP A 45 37.39 -0.07 1.64
N ASP A 46 36.19 0.48 1.53
CA ASP A 46 35.87 1.75 2.18
C ASP A 46 35.10 1.61 3.49
N GLU A 47 34.33 0.55 3.64
CA GLU A 47 33.40 0.44 4.77
C GLU A 47 33.88 -0.51 5.85
N ASP A 48 33.31 -0.36 7.05
CA ASP A 48 33.57 -1.30 8.13
C ASP A 48 33.13 -2.69 7.70
N ILE A 49 33.76 -3.72 8.27
CA ILE A 49 33.48 -5.10 7.86
C ILE A 49 32.02 -5.52 8.09
N ASP A 50 31.31 -4.78 8.94
CA ASP A 50 29.93 -5.13 9.27
C ASP A 50 28.94 -4.22 8.55
N TRP A 51 29.39 -3.55 7.50
CA TRP A 51 28.55 -2.59 6.80
C TRP A 51 27.28 -3.22 6.25
N VAL A 52 27.43 -4.33 5.53
CA VAL A 52 26.30 -5.02 4.94
C VAL A 52 25.34 -5.43 6.05
N GLN A 53 25.89 -5.93 7.14
CA GLN A 53 25.09 -6.38 8.28
C GLN A 53 24.37 -5.20 8.94
N THR A 54 25.06 -4.08 9.09
CA THR A 54 24.46 -2.89 9.69
C THR A 54 23.34 -2.32 8.83
N GLU A 55 23.53 -2.33 7.52
CA GLU A 55 22.50 -1.83 6.61
C GLU A 55 21.21 -2.64 6.74
N LYS A 56 21.33 -3.96 6.60
CA LYS A 56 20.17 -4.82 6.68
C LYS A 56 19.43 -4.65 8.01
N HIS A 57 20.20 -4.54 9.10
CA HIS A 57 19.61 -4.37 10.43
C HIS A 57 18.86 -3.05 10.56
N VAL A 58 19.41 -1.99 9.95
CA VAL A 58 18.81 -0.67 10.02
C VAL A 58 17.51 -0.59 9.24
N PHE A 59 17.47 -1.23 8.07
CA PHE A 59 16.25 -1.26 7.26
C PHE A 59 15.13 -2.01 7.98
N GLU A 60 15.50 -3.01 8.78
CA GLU A 60 14.54 -3.76 9.56
C GLU A 60 13.82 -2.85 10.54
N GLN A 61 14.58 -2.09 11.31
CA GLN A 61 14.03 -1.18 12.29
C GLN A 61 13.26 -0.03 11.64
N ALA A 62 13.59 0.27 10.39
CA ALA A 62 13.01 1.41 9.69
C ALA A 62 11.63 1.11 9.11
N SER A 63 11.35 -0.17 8.90
CA SER A 63 10.06 -0.58 8.35
C SER A 63 8.96 -0.42 9.38
N ASN A 64 9.35 -0.41 10.65
CA ASN A 64 8.42 -0.23 11.76
C ASN A 64 8.39 1.20 12.30
N HIS A 65 8.56 2.17 11.41
CA HIS A 65 8.53 3.57 11.79
C HIS A 65 8.13 4.49 10.64
N PRO A 66 7.29 5.50 10.93
CA PRO A 66 6.66 6.38 9.94
C PRO A 66 7.66 7.29 9.24
N PHE A 67 8.70 7.69 9.96
CA PHE A 67 9.63 8.70 9.45
C PHE A 67 10.96 8.08 9.02
N LEU A 68 10.91 6.83 8.58
CA LEU A 68 12.09 6.12 8.10
C LEU A 68 11.75 5.29 6.89
N VAL A 69 12.55 5.41 5.84
CA VAL A 69 12.32 4.61 4.64
C VAL A 69 12.50 3.13 4.97
N GLY A 70 11.60 2.29 4.43
CA GLY A 70 11.65 0.86 4.67
C GLY A 70 12.24 0.10 3.49
N LEU A 71 12.63 -1.15 3.73
CA LEU A 71 13.25 -1.95 2.69
C LEU A 71 12.27 -2.95 2.06
N HIS A 72 12.11 -2.86 0.74
CA HIS A 72 11.26 -3.79 0.02
C HIS A 72 12.00 -5.09 -0.25
N SER A 73 13.18 -4.97 -0.86
CA SER A 73 14.00 -6.13 -1.18
C SER A 73 15.41 -5.70 -1.53
N CYS A 74 16.31 -6.69 -1.61
CA CYS A 74 17.68 -6.44 -2.05
C CYS A 74 18.29 -7.69 -2.66
N PHE A 75 19.15 -7.49 -3.67
CA PHE A 75 19.81 -8.59 -4.36
C PHE A 75 21.20 -8.16 -4.79
N GLN A 76 21.93 -9.06 -5.44
CA GLN A 76 23.30 -8.76 -5.85
C GLN A 76 23.65 -9.33 -7.21
N THR A 77 24.35 -8.52 -8.01
CA THR A 77 25.03 -9.02 -9.19
C THR A 77 26.43 -9.40 -8.75
N GLU A 78 27.29 -9.72 -9.71
CA GLU A 78 28.65 -10.16 -9.39
C GLU A 78 29.46 -9.03 -8.76
N SER A 79 29.13 -7.80 -9.11
CA SER A 79 29.94 -6.65 -8.71
C SER A 79 29.20 -5.64 -7.83
N ARG A 80 27.88 -5.69 -7.79
CA ARG A 80 27.12 -4.67 -7.07
C ARG A 80 26.12 -5.24 -6.08
N LEU A 81 25.69 -4.39 -5.14
CA LEU A 81 24.61 -4.70 -4.25
C LEU A 81 23.43 -3.81 -4.59
N PHE A 82 22.23 -4.32 -4.46
CA PHE A 82 21.03 -3.59 -4.85
C PHE A 82 20.01 -3.48 -3.72
N PHE A 83 19.68 -2.25 -3.35
CA PHE A 83 18.70 -2.01 -2.31
C PHE A 83 17.44 -1.42 -2.91
N VAL A 84 16.38 -2.22 -2.95
CA VAL A 84 15.11 -1.76 -3.47
C VAL A 84 14.31 -1.15 -2.32
N ILE A 85 14.01 0.14 -2.40
CA ILE A 85 13.47 0.86 -1.26
C ILE A 85 12.15 1.57 -1.52
N GLU A 86 11.30 1.56 -0.50
CA GLU A 86 10.08 2.36 -0.50
C GLU A 86 10.36 3.71 -1.13
N TYR A 87 9.57 4.08 -2.13
CA TYR A 87 9.79 5.35 -2.81
C TYR A 87 9.07 6.52 -2.15
N VAL A 88 9.78 7.64 -2.03
CA VAL A 88 9.23 8.88 -1.48
C VAL A 88 9.21 9.95 -2.57
N ASN A 89 8.06 10.58 -2.78
CA ASN A 89 7.89 11.45 -3.95
C ASN A 89 7.66 12.94 -3.66
N GLY A 90 8.03 13.39 -2.47
CA GLY A 90 7.86 14.79 -2.11
C GLY A 90 9.12 15.65 -2.21
N GLY A 91 10.23 15.05 -2.64
CA GLY A 91 11.50 15.75 -2.71
C GLY A 91 12.23 15.71 -1.40
N ASP A 92 13.06 16.72 -1.14
CA ASP A 92 13.78 16.80 0.14
C ASP A 92 13.87 18.23 0.65
N LEU A 93 14.30 18.39 1.90
CA LEU A 93 14.37 19.72 2.50
C LEU A 93 15.32 20.67 1.76
N MET A 94 16.36 20.13 1.14
CA MET A 94 17.28 20.96 0.39
C MET A 94 16.53 21.60 -0.76
N PHE A 95 15.81 20.78 -1.52
CA PHE A 95 15.05 21.27 -2.65
C PHE A 95 14.05 22.35 -2.19
N HIS A 96 13.43 22.13 -1.04
CA HIS A 96 12.45 23.06 -0.49
C HIS A 96 13.11 24.39 -0.11
N MET A 97 14.22 24.31 0.63
CA MET A 97 14.95 25.49 1.04
C MET A 97 15.44 26.25 -0.18
N GLN A 98 15.63 25.55 -1.30
CA GLN A 98 16.11 26.17 -2.52
C GLN A 98 15.10 27.18 -3.05
N ARG A 99 13.81 26.87 -2.91
CA ARG A 99 12.76 27.77 -3.37
C ARG A 99 12.32 28.70 -2.26
N GLN A 100 12.36 28.22 -1.03
CA GLN A 100 11.92 28.98 0.13
C GLN A 100 13.00 29.94 0.65
N ARG A 101 14.25 29.51 0.60
CA ARG A 101 15.38 30.30 1.09
C ARG A 101 15.35 30.43 2.62
N LYS A 102 14.17 30.61 3.19
CA LYS A 102 14.00 30.72 4.63
C LYS A 102 12.62 30.24 5.08
N LEU A 103 12.59 29.45 6.16
CA LEU A 103 11.33 28.93 6.69
C LEU A 103 10.92 29.64 7.97
N PRO A 104 9.61 29.80 8.18
CA PRO A 104 9.07 30.33 9.44
C PRO A 104 9.34 29.35 10.58
N GLU A 105 9.47 29.85 11.80
CA GLU A 105 9.75 28.99 12.96
C GLU A 105 8.78 27.82 13.09
N GLU A 106 7.51 28.07 12.77
CA GLU A 106 6.49 27.03 12.85
C GLU A 106 6.85 25.86 11.93
N HIS A 107 7.29 26.18 10.72
CA HIS A 107 7.67 25.14 9.76
C HIS A 107 8.88 24.36 10.27
N ALA A 108 9.90 25.08 10.73
CA ALA A 108 11.10 24.44 11.26
C ALA A 108 10.76 23.61 12.50
N ARG A 109 9.82 24.11 13.30
CA ARG A 109 9.41 23.42 14.51
C ARG A 109 8.77 22.07 14.16
N PHE A 110 7.90 22.08 13.16
CA PHE A 110 7.26 20.87 12.68
C PHE A 110 8.29 19.83 12.25
N TYR A 111 9.13 20.23 11.30
CA TYR A 111 10.12 19.33 10.72
C TYR A 111 11.08 18.80 11.79
N SER A 112 11.63 19.70 12.59
CA SER A 112 12.57 19.31 13.63
C SER A 112 11.94 18.35 14.63
N ALA A 113 10.63 18.46 14.83
CA ALA A 113 9.90 17.54 15.70
C ALA A 113 9.90 16.12 15.12
N GLU A 114 9.44 15.98 13.88
CA GLU A 114 9.42 14.70 13.21
C GLU A 114 10.82 14.10 13.10
N ILE A 115 11.80 14.94 12.79
CA ILE A 115 13.19 14.50 12.69
C ILE A 115 13.66 13.93 14.03
N SER A 116 13.24 14.56 15.12
CA SER A 116 13.61 14.12 16.46
C SER A 116 13.04 12.74 16.78
N LEU A 117 11.79 12.52 16.40
CA LEU A 117 11.11 11.26 16.66
C LEU A 117 11.78 10.11 15.91
N ALA A 118 12.22 10.39 14.69
CA ALA A 118 12.91 9.39 13.90
C ALA A 118 14.29 9.10 14.48
N LEU A 119 14.97 10.14 14.94
CA LEU A 119 16.30 9.98 15.53
C LEU A 119 16.25 9.24 16.87
N ASN A 120 15.40 9.73 17.77
CA ASN A 120 15.27 9.12 19.10
C ASN A 120 14.96 7.63 18.97
N TYR A 121 14.18 7.28 17.96
CA TYR A 121 13.82 5.90 17.69
C TYR A 121 15.04 5.08 17.32
N LEU A 122 15.90 5.64 16.48
CA LEU A 122 17.12 4.95 16.10
C LEU A 122 18.05 4.81 17.30
N HIS A 123 18.21 5.90 18.04
CA HIS A 123 19.02 5.86 19.26
C HIS A 123 18.50 4.80 20.22
N GLU A 124 17.20 4.79 20.44
CA GLU A 124 16.59 3.81 21.32
C GLU A 124 16.96 2.40 20.85
N ARG A 125 17.15 2.24 19.55
CA ARG A 125 17.50 0.95 18.98
C ARG A 125 19.01 0.75 18.89
N GLY A 126 19.76 1.58 19.61
CA GLY A 126 21.21 1.45 19.65
C GLY A 126 21.89 1.78 18.33
N ILE A 127 21.34 2.76 17.61
CA ILE A 127 21.86 3.16 16.31
C ILE A 127 22.18 4.65 16.27
N ILE A 128 23.33 4.99 15.68
CA ILE A 128 23.68 6.38 15.42
C ILE A 128 23.57 6.65 13.92
N TYR A 129 22.73 7.62 13.56
CA TYR A 129 22.48 7.93 12.16
C TYR A 129 23.72 8.47 11.46
N ARG A 130 24.29 9.53 12.02
CA ARG A 130 25.59 10.07 11.59
C ARG A 130 25.65 10.68 10.19
N ASP A 131 24.52 11.15 9.67
CA ASP A 131 24.53 11.86 8.40
C ASP A 131 23.23 12.61 8.14
N LEU A 132 22.72 13.27 9.18
CA LEU A 132 21.55 14.11 9.04
C LEU A 132 21.92 15.40 8.33
N LYS A 133 21.27 15.64 7.19
CA LYS A 133 21.45 16.86 6.42
C LYS A 133 20.24 17.09 5.54
N LEU A 134 20.07 18.30 5.02
CA LEU A 134 18.86 18.67 4.30
C LEU A 134 18.41 17.66 3.24
N ASP A 135 19.34 17.21 2.41
CA ASP A 135 19.00 16.33 1.29
C ASP A 135 18.82 14.86 1.70
N ASN A 136 19.07 14.57 2.98
CA ASN A 136 18.78 13.25 3.53
C ASN A 136 17.43 13.26 4.24
N VAL A 137 16.78 14.42 4.22
CA VAL A 137 15.45 14.56 4.79
C VAL A 137 14.43 14.64 3.66
N LEU A 138 13.82 13.51 3.36
CA LEU A 138 12.86 13.43 2.27
C LEU A 138 11.48 13.89 2.71
N LEU A 139 10.62 14.22 1.75
CA LEU A 139 9.24 14.56 2.05
C LEU A 139 8.32 13.67 1.25
N ASP A 140 7.28 13.14 1.88
CA ASP A 140 6.29 12.35 1.16
C ASP A 140 5.23 13.25 0.54
N SER A 141 4.31 12.66 -0.23
CA SER A 141 3.29 13.42 -0.93
C SER A 141 2.43 14.27 0.00
N GLU A 142 2.23 13.79 1.22
CA GLU A 142 1.40 14.49 2.20
C GLU A 142 2.14 15.68 2.80
N GLY A 143 3.45 15.54 2.98
CA GLY A 143 4.28 16.60 3.51
C GLY A 143 5.05 16.22 4.76
N HIS A 144 5.07 14.95 5.11
CA HIS A 144 5.84 14.47 6.24
C HIS A 144 7.24 14.03 5.82
N ILE A 145 8.19 14.09 6.75
CA ILE A 145 9.58 13.80 6.45
C ILE A 145 9.92 12.32 6.55
N LYS A 146 11.00 11.93 5.89
CA LYS A 146 11.47 10.54 5.94
C LYS A 146 12.98 10.51 5.74
N LEU A 147 13.70 10.02 6.74
CA LEU A 147 15.16 9.91 6.67
C LEU A 147 15.57 8.77 5.74
N THR A 148 16.57 9.01 4.91
CA THR A 148 17.02 8.00 3.96
C THR A 148 18.53 7.81 4.00
N ASP A 149 19.03 6.94 3.15
CA ASP A 149 20.47 6.66 3.04
C ASP A 149 21.10 6.34 4.39
N TYR A 150 21.00 5.08 4.81
CA TYR A 150 21.51 4.66 6.11
C TYR A 150 22.98 4.25 6.04
N GLY A 151 23.67 4.65 4.99
CA GLY A 151 25.05 4.23 4.77
C GLY A 151 26.09 4.60 5.81
N MET A 152 25.75 5.52 6.72
CA MET A 152 26.70 5.99 7.73
C MET A 152 26.36 5.50 9.14
N CYS A 153 25.26 4.77 9.27
CA CYS A 153 24.79 4.33 10.58
C CYS A 153 25.82 3.54 11.36
N LYS A 154 25.84 3.72 12.68
CA LYS A 154 26.58 2.83 13.57
C LYS A 154 25.57 2.03 14.38
N GLU A 155 25.86 0.75 14.59
CA GLU A 155 24.88 -0.16 15.19
C GLU A 155 25.36 -0.82 16.47
N GLY A 156 24.42 -1.31 17.27
CA GLY A 156 24.73 -2.08 18.46
C GLY A 156 25.39 -1.27 19.56
N LEU A 157 25.01 -0.01 19.69
CA LEU A 157 25.56 0.83 20.74
C LEU A 157 24.75 0.70 22.02
N ARG A 158 25.34 0.05 23.02
CA ARG A 158 24.69 -0.11 24.31
C ARG A 158 24.97 1.11 25.19
N PRO A 159 24.17 1.30 26.24
CA PRO A 159 24.36 2.42 27.16
C PRO A 159 25.81 2.50 27.64
N GLY A 160 26.43 3.66 27.45
CA GLY A 160 27.83 3.84 27.82
C GLY A 160 28.78 3.50 26.70
N ASP A 161 28.27 2.84 25.68
CA ASP A 161 29.08 2.50 24.52
C ASP A 161 29.51 3.75 23.76
N THR A 162 30.55 3.60 22.95
CA THR A 162 31.11 4.70 22.18
C THR A 162 31.90 4.19 21.00
N THR A 163 31.69 4.80 19.84
CA THR A 163 32.46 4.48 18.65
C THR A 163 33.40 5.62 18.33
N SER A 164 34.27 5.45 17.34
CA SER A 164 35.30 6.44 17.07
C SER A 164 35.64 6.68 15.59
N TPO A 165 34.69 6.41 14.70
CA TPO A 165 34.93 6.62 13.27
CB TPO A 165 34.04 5.72 12.44
CG2 TPO A 165 34.20 6.10 10.97
OG1 TPO A 165 34.40 4.36 12.61
P TPO A 165 33.06 3.62 13.07
O1P TPO A 165 32.20 4.59 13.78
O2P TPO A 165 32.29 3.07 11.77
O3P TPO A 165 33.43 2.39 14.06
C TPO A 165 34.74 8.07 12.86
O TPO A 165 33.72 8.69 13.19
N PHE A 166 35.70 8.61 12.13
CA PHE A 166 35.56 9.96 11.58
C PHE A 166 34.78 9.91 10.27
N CYS A 167 33.53 10.36 10.31
CA CYS A 167 32.67 10.32 9.12
C CYS A 167 31.62 11.42 9.14
N GLY A 168 30.82 11.47 8.08
CA GLY A 168 29.76 12.45 7.96
C GLY A 168 29.91 13.39 6.77
N THR A 169 29.08 14.42 6.75
CA THR A 169 29.17 15.46 5.74
C THR A 169 29.72 16.70 6.43
N PRO A 170 30.94 17.12 6.04
CA PRO A 170 31.72 18.16 6.72
C PRO A 170 30.87 19.24 7.41
N ASN A 171 30.01 19.93 6.67
CA ASN A 171 29.19 20.99 7.25
C ASN A 171 28.42 20.58 8.51
N TYR A 172 28.14 19.29 8.68
CA TYR A 172 27.31 18.86 9.80
C TYR A 172 28.08 18.09 10.86
N ILE A 173 29.37 17.83 10.60
CA ILE A 173 30.20 17.04 11.51
C ILE A 173 30.43 17.74 12.85
N ALA A 174 30.21 17.01 13.94
CA ALA A 174 30.31 17.56 15.29
C ALA A 174 31.76 17.79 15.74
N PRO A 175 31.95 18.73 16.66
CA PRO A 175 33.27 19.09 17.20
C PRO A 175 33.97 17.91 17.89
N GLU A 176 33.20 17.05 18.57
CA GLU A 176 33.80 15.92 19.26
C GLU A 176 34.41 14.92 18.29
N ILE A 177 33.88 14.87 17.07
CA ILE A 177 34.48 14.05 16.03
C ILE A 177 35.75 14.73 15.54
N LEU A 178 35.70 16.05 15.39
CA LEU A 178 36.85 16.82 14.94
C LEU A 178 38.02 16.74 15.92
N ARG A 179 37.70 16.56 17.20
CA ARG A 179 38.72 16.45 18.24
C ARG A 179 39.27 15.03 18.33
N GLY A 180 38.61 14.09 17.65
CA GLY A 180 39.05 12.71 17.66
C GLY A 180 38.67 12.00 18.94
N GLU A 181 37.56 12.44 19.54
CA GLU A 181 37.08 11.84 20.77
C GLU A 181 36.10 10.72 20.46
N ASP A 182 36.04 9.71 21.32
CA ASP A 182 35.01 8.71 21.25
C ASP A 182 33.66 9.39 21.44
N TYR A 183 32.67 9.03 20.63
CA TYR A 183 31.38 9.72 20.67
C TYR A 183 30.20 8.76 20.65
N GLY A 184 29.02 9.30 20.88
CA GLY A 184 27.79 8.54 20.82
C GLY A 184 26.72 9.25 20.02
N PHE A 185 25.50 9.25 20.55
CA PHE A 185 24.35 9.80 19.86
C PHE A 185 24.42 11.33 19.72
N SER A 186 25.25 11.96 20.54
CA SER A 186 25.36 13.42 20.56
C SER A 186 25.53 14.03 19.17
N VAL A 187 26.23 13.33 18.28
CA VAL A 187 26.49 13.87 16.94
C VAL A 187 25.20 14.13 16.17
N ASP A 188 24.21 13.26 16.33
CA ASP A 188 22.94 13.43 15.63
C ASP A 188 22.23 14.73 16.04
N TRP A 189 22.25 15.03 17.33
CA TRP A 189 21.57 16.22 17.83
C TRP A 189 22.27 17.52 17.43
N TRP A 190 23.59 17.47 17.35
CA TRP A 190 24.35 18.59 16.82
C TRP A 190 23.94 18.81 15.36
N ALA A 191 23.85 17.72 14.62
CA ALA A 191 23.47 17.79 13.21
C ALA A 191 22.10 18.44 13.04
N LEU A 192 21.16 18.09 13.90
CA LEU A 192 19.82 18.69 13.86
C LEU A 192 19.89 20.17 14.17
N GLY A 193 20.79 20.54 15.09
CA GLY A 193 20.99 21.93 15.43
C GLY A 193 21.45 22.71 14.22
N VAL A 194 22.42 22.15 13.50
CA VAL A 194 22.94 22.78 12.29
C VAL A 194 21.84 22.89 11.23
N LEU A 195 21.03 21.85 11.12
CA LEU A 195 19.96 21.79 10.14
C LEU A 195 18.87 22.79 10.48
N MET A 196 18.51 22.86 11.77
CA MET A 196 17.52 23.82 12.23
C MET A 196 17.98 25.24 11.95
N PHE A 197 19.28 25.47 12.11
CA PHE A 197 19.86 26.78 11.85
C PHE A 197 19.66 27.19 10.39
N GLU A 198 20.00 26.27 9.49
CA GLU A 198 19.82 26.54 8.05
C GLU A 198 18.36 26.86 7.72
N MET A 199 17.43 26.08 8.28
CA MET A 199 16.01 26.28 8.04
C MET A 199 15.54 27.68 8.42
N MET A 200 15.93 28.15 9.60
CA MET A 200 15.40 29.42 10.10
C MET A 200 16.24 30.64 9.72
N ALA A 201 17.51 30.41 9.38
CA ALA A 201 18.42 31.49 9.03
C ALA A 201 18.62 31.62 7.52
N GLY A 202 18.35 30.54 6.79
CA GLY A 202 18.48 30.56 5.34
C GLY A 202 19.91 30.32 4.87
N ARG A 203 20.79 30.01 5.83
CA ARG A 203 22.19 29.77 5.53
C ARG A 203 22.78 28.87 6.61
N SER A 204 23.94 28.29 6.33
CA SER A 204 24.66 27.51 7.33
C SER A 204 25.32 28.45 8.33
N PRO A 205 25.43 28.00 9.60
CA PRO A 205 26.11 28.78 10.65
C PRO A 205 27.59 28.90 10.34
N PHE A 206 28.07 28.17 9.33
CA PHE A 206 29.49 28.17 9.01
C PHE A 206 29.75 28.63 7.58
N ASP A 207 28.83 29.41 7.01
CA ASP A 207 29.01 29.94 5.67
C ASP A 207 30.07 31.03 5.67
N ILE A 208 30.66 31.27 4.49
CA ILE A 208 31.77 32.20 4.38
C ILE A 208 31.39 33.44 3.56
N VAL A 209 32.03 34.56 3.87
CA VAL A 209 31.80 35.82 3.16
C VAL A 209 30.31 36.09 2.92
N ASN A 218 42.64 23.18 1.34
CA ASN A 218 42.48 23.60 2.72
C ASN A 218 41.13 24.24 2.99
N THR A 219 40.28 24.28 1.97
CA THR A 219 38.97 24.90 2.08
C THR A 219 38.11 24.17 3.10
N GLU A 220 38.36 22.87 3.24
CA GLU A 220 37.64 22.05 4.21
C GLU A 220 38.32 22.06 5.58
N ASP A 221 39.64 22.28 5.57
CA ASP A 221 40.38 22.40 6.81
C ASP A 221 39.98 23.70 7.50
N TYR A 222 39.66 24.70 6.71
CA TYR A 222 39.20 25.98 7.23
C TYR A 222 37.80 25.87 7.81
N LEU A 223 36.94 25.13 7.11
CA LEU A 223 35.60 24.87 7.61
C LEU A 223 35.66 24.24 9.00
N PHE A 224 36.53 23.24 9.12
CA PHE A 224 36.69 22.54 10.40
C PHE A 224 37.20 23.48 11.48
N GLN A 225 37.96 24.49 11.07
CA GLN A 225 38.47 25.48 12.02
C GLN A 225 37.34 26.36 12.51
N VAL A 226 36.49 26.80 11.59
CA VAL A 226 35.34 27.63 11.94
C VAL A 226 34.46 26.96 12.99
N ILE A 227 34.14 25.70 12.73
CA ILE A 227 33.28 24.92 13.61
C ILE A 227 33.86 24.75 15.02
N LEU A 228 35.17 24.58 15.10
CA LEU A 228 35.84 24.33 16.37
C LEU A 228 36.15 25.59 17.19
N GLU A 229 36.40 26.71 16.51
CA GLU A 229 36.90 27.90 17.19
C GLU A 229 35.95 29.10 17.14
N LYS A 230 35.34 29.34 15.99
CA LYS A 230 34.49 30.51 15.81
C LYS A 230 33.20 30.40 16.62
N GLN A 231 32.90 31.46 17.38
CA GLN A 231 31.69 31.51 18.21
C GLN A 231 30.41 31.47 17.37
N ILE A 232 29.49 30.59 17.74
CA ILE A 232 28.21 30.46 17.04
C ILE A 232 27.19 31.46 17.56
N ARG A 233 26.71 32.34 16.68
CA ARG A 233 25.77 33.39 17.07
C ARG A 233 24.48 33.30 16.26
N ILE A 234 23.34 33.29 16.97
CA ILE A 234 22.04 33.24 16.30
C ILE A 234 21.61 34.64 15.86
N PRO A 235 21.06 34.76 14.64
CA PRO A 235 20.62 36.05 14.11
C PRO A 235 19.55 36.73 14.96
N ARG A 236 19.61 38.07 15.05
CA ARG A 236 18.76 38.84 15.94
C ARG A 236 17.27 38.76 15.64
N SER A 237 16.91 38.33 14.42
CA SER A 237 15.52 38.33 14.00
C SER A 237 14.76 37.11 14.52
N LEU A 238 15.49 36.11 15.00
CA LEU A 238 14.85 34.90 15.51
C LEU A 238 14.37 35.09 16.94
N SER A 239 13.29 34.39 17.31
CA SER A 239 12.70 34.54 18.63
C SER A 239 13.60 33.99 19.73
N VAL A 240 13.29 34.35 20.98
CA VAL A 240 14.05 33.87 22.13
C VAL A 240 13.96 32.35 22.26
N LYS A 241 12.81 31.79 21.92
CA LYS A 241 12.63 30.33 21.90
C LYS A 241 13.57 29.68 20.91
N ALA A 242 13.61 30.22 19.70
CA ALA A 242 14.43 29.67 18.63
C ALA A 242 15.91 29.81 18.94
N ALA A 243 16.30 31.00 19.42
CA ALA A 243 17.69 31.26 19.77
C ALA A 243 18.20 30.21 20.75
N SER A 244 17.32 29.78 21.66
CA SER A 244 17.71 28.85 22.70
C SER A 244 18.01 27.43 22.19
N VAL A 245 17.05 26.83 21.50
CA VAL A 245 17.23 25.47 20.99
C VAL A 245 18.46 25.38 20.08
N LEU A 246 18.60 26.35 19.21
CA LEU A 246 19.75 26.40 18.31
C LEU A 246 21.05 26.37 19.11
N LYS A 247 21.14 27.29 20.07
CA LYS A 247 22.34 27.41 20.90
C LYS A 247 22.55 26.17 21.74
N SER A 248 21.46 25.47 22.04
CA SER A 248 21.52 24.29 22.90
C SER A 248 21.93 23.05 22.11
N PHE A 249 21.36 22.89 20.92
CA PHE A 249 21.78 21.79 20.06
C PHE A 249 23.19 22.07 19.55
N LEU A 250 23.54 23.34 19.45
CA LEU A 250 24.85 23.73 18.93
C LEU A 250 25.89 24.00 20.02
N ASN A 251 25.75 23.31 21.15
CA ASN A 251 26.74 23.41 22.22
C ASN A 251 27.90 22.47 21.93
N LYS A 252 29.10 23.03 21.79
CA LYS A 252 30.25 22.25 21.36
C LYS A 252 30.64 21.14 22.35
N ASP A 253 30.10 21.20 23.56
CA ASP A 253 30.37 20.17 24.56
C ASP A 253 29.27 19.11 24.55
N PRO A 254 29.59 17.91 24.05
CA PRO A 254 28.65 16.80 23.97
C PRO A 254 27.96 16.52 25.30
N LYS A 255 28.69 16.68 26.40
CA LYS A 255 28.14 16.41 27.72
C LYS A 255 27.03 17.40 28.07
N GLU A 256 27.19 18.65 27.62
CA GLU A 256 26.26 19.71 28.00
C GLU A 256 25.24 20.02 26.91
N ARG A 257 25.37 19.37 25.76
CA ARG A 257 24.48 19.62 24.62
C ARG A 257 23.05 19.14 24.87
N LEU A 258 22.10 19.90 24.36
CA LEU A 258 20.68 19.55 24.48
C LEU A 258 20.42 18.19 23.86
N GLY A 259 19.60 17.37 24.53
CA GLY A 259 19.24 16.07 24.03
C GLY A 259 20.27 14.99 24.30
N CYS A 260 21.38 15.37 24.92
CA CYS A 260 22.50 14.45 25.12
C CYS A 260 22.58 13.89 26.54
N HIS A 261 21.72 14.36 27.44
CA HIS A 261 21.71 13.83 28.80
C HIS A 261 21.35 12.35 28.76
N PRO A 262 22.25 11.50 29.27
CA PRO A 262 22.11 10.04 29.21
C PRO A 262 20.73 9.59 29.64
N GLN A 263 20.15 10.28 30.61
CA GLN A 263 18.89 9.87 31.20
C GLN A 263 17.69 10.61 30.59
N THR A 264 17.69 11.92 30.68
CA THR A 264 16.54 12.73 30.27
C THR A 264 16.76 13.42 28.93
N GLY A 265 17.73 12.94 28.16
CA GLY A 265 18.06 13.56 26.89
C GLY A 265 16.86 13.95 26.04
N PHE A 266 16.11 12.94 25.59
CA PHE A 266 14.99 13.18 24.68
C PHE A 266 13.83 13.87 25.37
N ALA A 267 13.75 13.75 26.69
CA ALA A 267 12.71 14.44 27.45
C ALA A 267 13.02 15.93 27.48
N ASP A 268 14.31 16.26 27.58
CA ASP A 268 14.73 17.66 27.62
C ASP A 268 14.33 18.38 26.34
N ILE A 269 14.38 17.68 25.21
CA ILE A 269 13.96 18.23 23.94
C ILE A 269 12.45 18.53 23.91
N GLN A 270 11.63 17.50 24.11
CA GLN A 270 10.19 17.64 24.09
C GLN A 270 9.72 18.72 25.06
N GLY A 271 10.49 18.92 26.12
CA GLY A 271 10.14 19.87 27.15
C GLY A 271 10.58 21.29 26.81
N HIS A 272 11.53 21.40 25.88
CA HIS A 272 12.07 22.72 25.53
C HIS A 272 10.98 23.67 25.08
N PRO A 273 11.05 24.92 25.57
CA PRO A 273 10.08 25.99 25.29
C PRO A 273 9.78 26.12 23.81
N PHE A 274 10.82 25.95 22.99
CA PHE A 274 10.65 26.01 21.54
C PHE A 274 9.61 25.00 21.07
N PHE A 275 9.62 23.82 21.68
CA PHE A 275 8.70 22.75 21.32
C PHE A 275 7.45 22.76 22.19
N ARG A 276 7.21 23.88 22.88
CA ARG A 276 6.00 24.01 23.66
C ARG A 276 4.80 23.97 22.72
N ASN A 277 3.69 23.43 23.20
CA ASN A 277 2.49 23.29 22.38
C ASN A 277 2.64 22.28 21.25
N VAL A 278 3.63 21.38 21.36
CA VAL A 278 3.79 20.29 20.41
C VAL A 278 3.21 18.98 20.94
N ASP A 279 2.19 18.47 20.26
CA ASP A 279 1.60 17.18 20.62
C ASP A 279 2.39 16.05 19.98
N TRP A 280 3.37 15.54 20.72
CA TRP A 280 4.29 14.53 20.19
C TRP A 280 3.58 13.26 19.73
N ASP A 281 2.59 12.82 20.50
CA ASP A 281 1.85 11.61 20.14
C ASP A 281 1.14 11.81 18.79
N MET A 282 0.40 12.90 18.67
CA MET A 282 -0.28 13.21 17.42
C MET A 282 0.75 13.40 16.32
N MET A 283 1.89 13.99 16.67
CA MET A 283 2.99 14.17 15.74
C MET A 283 3.46 12.84 15.21
N GLU A 284 3.50 11.84 16.08
CA GLU A 284 4.05 10.53 15.75
C GLU A 284 3.09 9.64 14.97
N GLN A 285 1.80 9.89 15.11
CA GLN A 285 0.80 9.16 14.34
C GLN A 285 0.39 9.95 13.09
N LYS A 286 1.16 10.99 12.78
CA LYS A 286 0.86 11.84 11.65
C LYS A 286 -0.50 12.54 11.78
N GLN A 287 -0.95 12.71 13.02
CA GLN A 287 -2.22 13.38 13.28
C GLN A 287 -2.05 14.89 13.36
N VAL A 288 -0.84 15.36 13.05
CA VAL A 288 -0.56 16.79 12.94
C VAL A 288 -0.34 17.15 11.48
N VAL A 289 -1.03 18.17 11.01
CA VAL A 289 -1.00 18.51 9.57
C VAL A 289 0.23 19.32 9.18
N PRO A 290 0.95 18.86 8.16
CA PRO A 290 2.15 19.48 7.58
C PRO A 290 1.88 20.86 6.97
N PRO A 291 2.83 21.80 7.13
CA PRO A 291 2.71 23.17 6.63
C PRO A 291 3.02 23.30 5.15
N PHE A 292 3.16 22.20 4.44
CA PHE A 292 3.47 22.25 3.01
C PHE A 292 3.22 20.91 2.31
N LYS A 293 2.42 20.93 1.25
CA LYS A 293 2.10 19.71 0.51
C LYS A 293 2.79 19.70 -0.84
N PRO A 294 3.83 18.88 -0.99
CA PRO A 294 4.60 18.78 -2.24
C PRO A 294 3.68 18.46 -3.40
N ASN A 295 2.60 17.73 -3.13
CA ASN A 295 1.57 17.52 -4.14
C ASN A 295 0.86 18.83 -4.45
N ILE A 296 0.10 18.84 -5.54
CA ILE A 296 -0.70 20.01 -5.91
C ILE A 296 0.03 21.35 -5.87
N SER A 297 1.36 21.34 -5.74
CA SER A 297 2.09 22.59 -5.56
C SER A 297 3.47 22.65 -6.20
N GLY A 298 4.17 23.74 -5.90
CA GLY A 298 5.57 23.96 -6.25
C GLY A 298 5.96 23.65 -7.68
N GLU A 299 7.25 23.50 -7.92
CA GLU A 299 7.75 23.04 -9.21
C GLU A 299 9.11 22.36 -9.07
N GLN A 315 22.26 1.57 -18.84
CA GLN A 315 22.40 2.73 -17.97
C GLN A 315 23.47 2.53 -16.90
N LEU A 316 23.64 1.30 -16.44
CA LEU A 316 24.63 1.02 -15.41
C LEU A 316 26.06 1.02 -15.97
N TPO A 317 26.96 1.68 -15.26
CA TPO A 317 28.37 1.71 -15.63
CB TPO A 317 29.18 2.47 -14.58
CG2 TPO A 317 30.63 2.55 -15.03
OG1 TPO A 317 28.65 3.79 -14.42
P TPO A 317 28.17 3.97 -12.89
O1P TPO A 317 29.27 3.62 -11.98
O2P TPO A 317 26.90 3.02 -12.61
O3P TPO A 317 27.75 5.50 -12.65
C TPO A 317 28.90 0.28 -15.77
O TPO A 317 28.66 -0.56 -14.90
N PRO A 318 29.61 0.00 -16.87
CA PRO A 318 30.17 -1.33 -17.12
C PRO A 318 31.17 -1.74 -16.03
N ASP A 319 31.13 -3.01 -15.63
CA ASP A 319 32.04 -3.54 -14.63
C ASP A 319 33.49 -3.56 -15.13
N ASP A 320 34.43 -3.53 -14.20
CA ASP A 320 35.83 -3.70 -14.54
C ASP A 320 36.23 -5.15 -14.29
N ASP A 321 36.21 -5.93 -15.37
CA ASP A 321 36.40 -7.39 -15.27
C ASP A 321 37.64 -7.80 -14.48
N ASP A 322 38.70 -7.01 -14.56
CA ASP A 322 39.92 -7.33 -13.82
C ASP A 322 39.74 -7.10 -12.32
N ILE A 323 38.83 -6.21 -11.96
CA ILE A 323 38.49 -6.01 -10.55
C ILE A 323 37.49 -7.05 -10.07
N VAL A 324 36.37 -7.17 -10.78
CA VAL A 324 35.32 -8.11 -10.38
C VAL A 324 35.87 -9.51 -10.18
N ARG A 325 36.74 -9.94 -11.09
CA ARG A 325 37.31 -11.29 -11.04
C ARG A 325 37.98 -11.59 -9.69
N LYS A 326 38.52 -10.55 -9.04
CA LYS A 326 39.26 -10.74 -7.80
C LYS A 326 38.55 -10.23 -6.56
N ILE A 327 37.28 -9.85 -6.71
CA ILE A 327 36.48 -9.36 -5.58
C ILE A 327 36.34 -10.39 -4.46
N ASP A 328 36.30 -9.91 -3.22
CA ASP A 328 36.05 -10.78 -2.07
C ASP A 328 34.56 -10.79 -1.76
N GLN A 329 33.89 -11.88 -2.16
CA GLN A 329 32.43 -11.97 -2.06
C GLN A 329 31.95 -12.40 -0.67
N SER A 330 32.90 -12.68 0.22
CA SER A 330 32.60 -13.19 1.56
C SER A 330 31.42 -12.47 2.23
N GLU A 331 31.54 -11.15 2.37
CA GLU A 331 30.56 -10.38 3.12
C GLU A 331 29.17 -10.37 2.47
N PHE A 332 29.09 -10.78 1.20
CA PHE A 332 27.84 -10.66 0.46
C PHE A 332 27.08 -11.98 0.35
N GLU A 333 27.64 -13.05 0.90
CA GLU A 333 26.98 -14.35 0.89
C GLU A 333 25.65 -14.32 1.64
N GLY A 334 24.59 -14.71 0.94
CA GLY A 334 23.26 -14.70 1.50
C GLY A 334 22.75 -13.28 1.71
N PHE A 335 23.01 -12.43 0.71
CA PHE A 335 22.61 -11.04 0.78
C PHE A 335 21.14 -10.87 0.39
N GLU A 336 20.68 -11.72 -0.52
CA GLU A 336 19.31 -11.64 -1.03
C GLU A 336 18.29 -11.55 0.09
N TYR A 337 17.19 -10.87 -0.17
CA TYR A 337 16.15 -10.66 0.84
C TYR A 337 14.87 -10.05 0.28
N ILE A 338 13.76 -10.42 0.89
CA ILE A 338 12.45 -9.83 0.59
C ILE A 338 11.67 -9.63 1.88
N ASN A 339 11.02 -8.48 2.01
CA ASN A 339 10.24 -8.19 3.21
C ASN A 339 8.81 -8.73 3.12
N PRO A 340 8.47 -9.68 4.01
CA PRO A 340 7.16 -10.32 4.06
C PRO A 340 6.02 -9.32 4.33
N LEU A 341 6.35 -8.18 4.93
CA LEU A 341 5.36 -7.13 5.16
C LEU A 341 5.70 -5.87 4.37
N LEU A 342 4.82 -5.49 3.45
CA LEU A 342 5.02 -4.32 2.61
C LEU A 342 5.22 -3.05 3.44
N MET A 343 6.46 -2.54 3.45
CA MET A 343 6.78 -1.33 4.20
C MET A 343 5.96 -0.14 3.73
N SER B 1 -7.52 42.21 -14.03
CA SER B 1 -7.51 41.09 -13.09
C SER B 1 -6.32 40.17 -13.36
N LEU B 2 -6.58 38.88 -13.55
CA LEU B 2 -5.51 37.92 -13.79
C LEU B 2 -4.95 38.03 -15.21
N GLY B 3 -3.76 37.48 -15.40
CA GLY B 3 -3.08 37.51 -16.68
C GLY B 3 -1.85 36.64 -16.65
N LEU B 4 -1.13 36.57 -17.77
CA LEU B 4 0.04 35.71 -17.86
C LEU B 4 1.09 36.06 -16.82
N GLN B 5 1.14 37.34 -16.44
CA GLN B 5 2.10 37.80 -15.45
C GLN B 5 1.95 37.04 -14.13
N ASP B 6 0.70 36.74 -13.78
CA ASP B 6 0.40 36.08 -12.52
C ASP B 6 0.67 34.58 -12.54
N PHE B 7 1.31 34.10 -13.60
CA PHE B 7 1.51 32.66 -13.77
C PHE B 7 2.92 32.28 -14.21
N ASP B 8 3.25 31.01 -14.00
CA ASP B 8 4.49 30.42 -14.50
C ASP B 8 4.15 29.32 -15.51
N LEU B 9 4.53 29.53 -16.76
CA LEU B 9 4.26 28.54 -17.80
C LEU B 9 5.23 27.38 -17.68
N LEU B 10 4.83 26.35 -16.96
CA LEU B 10 5.69 25.20 -16.70
C LEU B 10 5.95 24.34 -17.94
N ARG B 11 4.91 23.74 -18.50
CA ARG B 11 5.08 22.88 -19.67
C ARG B 11 3.80 22.67 -20.49
N VAL B 12 3.96 22.14 -21.70
CA VAL B 12 2.82 21.83 -22.56
C VAL B 12 2.37 20.39 -22.33
N ILE B 13 1.07 20.20 -22.12
CA ILE B 13 0.56 18.87 -21.78
C ILE B 13 -0.54 18.39 -22.72
N GLY B 14 -0.90 19.22 -23.70
CA GLY B 14 -1.94 18.87 -24.65
C GLY B 14 -1.98 19.82 -25.82
N ARG B 15 -2.30 19.31 -27.01
CA ARG B 15 -2.37 20.15 -28.20
C ARG B 15 -3.22 19.53 -29.29
N GLY B 16 -4.36 20.15 -29.57
CA GLY B 16 -5.18 19.82 -30.71
C GLY B 16 -4.88 20.82 -31.81
N SER B 17 -5.78 20.94 -32.79
CA SER B 17 -5.63 21.91 -33.85
C SER B 17 -6.05 23.29 -33.39
N TYR B 18 -7.14 23.34 -32.65
CA TYR B 18 -7.74 24.59 -32.19
C TYR B 18 -7.13 25.10 -30.88
N ALA B 19 -6.78 24.20 -29.98
CA ALA B 19 -6.36 24.59 -28.63
C ALA B 19 -5.06 23.97 -28.16
N LYS B 20 -4.41 24.64 -27.20
CA LYS B 20 -3.18 24.15 -26.59
C LYS B 20 -3.31 24.25 -25.07
N VAL B 21 -2.84 23.23 -24.37
CA VAL B 21 -2.99 23.21 -22.91
C VAL B 21 -1.64 23.18 -22.20
N LEU B 22 -1.46 24.14 -21.29
CA LEU B 22 -0.20 24.27 -20.57
C LEU B 22 -0.36 23.96 -19.10
N LEU B 23 0.71 23.42 -18.51
CA LEU B 23 0.79 23.28 -17.07
C LEU B 23 1.31 24.59 -16.51
N VAL B 24 0.58 25.18 -15.56
CA VAL B 24 0.95 26.48 -15.01
C VAL B 24 0.94 26.50 -13.48
N ARG B 25 1.62 27.48 -12.91
CA ARG B 25 1.64 27.64 -11.46
C ARG B 25 1.30 29.07 -11.09
N LEU B 26 0.24 29.24 -10.31
CA LEU B 26 -0.15 30.56 -9.82
C LEU B 26 0.90 31.02 -8.82
N LYS B 27 1.66 32.05 -9.20
CA LYS B 27 2.81 32.52 -8.42
C LYS B 27 2.54 32.82 -6.95
N LYS B 28 1.57 33.68 -6.69
CA LYS B 28 1.33 34.15 -5.33
C LYS B 28 0.65 33.12 -4.42
N THR B 29 0.36 31.94 -4.96
CA THR B 29 -0.30 30.89 -4.17
C THR B 29 0.43 29.54 -4.20
N ASP B 30 1.35 29.37 -5.14
CA ASP B 30 2.11 28.12 -5.26
C ASP B 30 1.27 26.89 -5.55
N ARG B 31 0.10 27.08 -6.16
CA ARG B 31 -0.74 25.96 -6.54
C ARG B 31 -0.65 25.70 -8.04
N ILE B 32 -0.83 24.45 -8.45
CA ILE B 32 -0.69 24.06 -9.84
C ILE B 32 -2.04 23.95 -10.56
N TYR B 33 -2.08 24.48 -11.78
CA TYR B 33 -3.30 24.45 -12.59
C TYR B 33 -2.99 24.10 -14.03
N ALA B 34 -4.02 23.73 -14.78
CA ALA B 34 -3.90 23.51 -16.22
C ALA B 34 -4.53 24.68 -16.98
N MET B 35 -3.86 25.15 -18.02
CA MET B 35 -4.33 26.31 -18.77
C MET B 35 -4.66 25.96 -20.21
N LYS B 36 -5.89 26.27 -20.61
CA LYS B 36 -6.36 26.01 -21.97
C LYS B 36 -6.37 27.31 -22.77
N VAL B 37 -5.58 27.35 -23.83
CA VAL B 37 -5.42 28.56 -24.63
C VAL B 37 -5.98 28.39 -26.04
N VAL B 38 -6.79 29.36 -26.47
CA VAL B 38 -7.37 29.34 -27.80
C VAL B 38 -7.28 30.70 -28.48
N LYS B 39 -6.87 30.71 -29.74
CA LYS B 39 -6.76 31.92 -30.53
C LYS B 39 -8.13 32.56 -30.76
N LYS B 40 -8.25 33.82 -30.38
CA LYS B 40 -9.53 34.52 -30.44
C LYS B 40 -10.09 34.55 -31.86
N GLU B 41 -9.20 34.55 -32.85
CA GLU B 41 -9.60 34.57 -34.26
C GLU B 41 -10.33 33.29 -34.70
N LEU B 42 -9.85 32.12 -34.26
CA LEU B 42 -10.47 30.84 -34.63
C LEU B 42 -11.79 30.64 -33.91
N VAL B 43 -11.95 31.28 -32.76
CA VAL B 43 -13.19 31.19 -32.01
C VAL B 43 -14.32 31.88 -32.78
N ASN B 44 -13.98 32.93 -33.51
CA ASN B 44 -14.95 33.65 -34.33
C ASN B 44 -15.27 32.91 -35.63
N ASP B 45 -14.24 32.35 -36.25
CA ASP B 45 -14.37 31.75 -37.57
C ASP B 45 -14.86 30.30 -37.52
N ASP B 46 -14.45 29.57 -36.49
CA ASP B 46 -14.71 28.14 -36.41
C ASP B 46 -15.89 27.77 -35.53
N GLU B 47 -16.18 28.60 -34.52
CA GLU B 47 -17.17 28.20 -33.53
C GLU B 47 -18.51 28.92 -33.69
N ASP B 48 -19.55 28.34 -33.10
CA ASP B 48 -20.86 28.98 -33.09
C ASP B 48 -20.75 30.34 -32.42
N ILE B 49 -21.64 31.24 -32.80
CA ILE B 49 -21.59 32.61 -32.32
C ILE B 49 -21.72 32.67 -30.80
N ASP B 50 -22.22 31.59 -30.20
CA ASP B 50 -22.45 31.53 -28.77
C ASP B 50 -21.45 30.66 -28.02
N TRP B 51 -20.30 30.41 -28.64
CA TRP B 51 -19.31 29.49 -28.08
C TRP B 51 -18.79 29.88 -26.70
N VAL B 52 -18.34 31.12 -26.55
CA VAL B 52 -17.80 31.58 -25.27
C VAL B 52 -18.81 31.38 -24.16
N GLN B 53 -20.05 31.75 -24.45
CA GLN B 53 -21.13 31.67 -23.47
C GLN B 53 -21.37 30.22 -23.06
N THR B 54 -21.31 29.32 -24.04
CA THR B 54 -21.49 27.90 -23.77
C THR B 54 -20.38 27.39 -22.86
N GLU B 55 -19.15 27.84 -23.10
CA GLU B 55 -18.04 27.40 -22.27
C GLU B 55 -18.22 27.84 -20.82
N LYS B 56 -18.43 29.14 -20.61
CA LYS B 56 -18.59 29.65 -19.26
C LYS B 56 -19.74 28.94 -18.55
N HIS B 57 -20.83 28.72 -19.27
CA HIS B 57 -22.00 28.06 -18.68
C HIS B 57 -21.73 26.61 -18.28
N VAL B 58 -20.96 25.91 -19.09
CA VAL B 58 -20.64 24.51 -18.81
C VAL B 58 -19.71 24.35 -17.62
N PHE B 59 -18.72 25.24 -17.52
CA PHE B 59 -17.82 25.23 -16.37
C PHE B 59 -18.59 25.49 -15.08
N GLU B 60 -19.64 26.29 -15.18
CA GLU B 60 -20.49 26.56 -14.02
C GLU B 60 -21.13 25.27 -13.52
N GLN B 61 -21.78 24.56 -14.42
CA GLN B 61 -22.45 23.31 -14.08
C GLN B 61 -21.44 22.26 -13.66
N ALA B 62 -20.19 22.42 -14.10
CA ALA B 62 -19.16 21.42 -13.86
C ALA B 62 -18.57 21.51 -12.47
N SER B 63 -18.66 22.69 -11.85
CA SER B 63 -18.10 22.89 -10.53
C SER B 63 -18.94 22.17 -9.50
N ASN B 64 -20.19 21.90 -9.86
CA ASN B 64 -21.13 21.21 -8.98
C ASN B 64 -21.26 19.72 -9.31
N HIS B 65 -20.16 19.11 -9.75
CA HIS B 65 -20.15 17.67 -10.06
C HIS B 65 -18.74 17.09 -9.95
N PRO B 66 -18.64 15.87 -9.38
CA PRO B 66 -17.38 15.20 -9.04
C PRO B 66 -16.57 14.76 -10.26
N PHE B 67 -17.25 14.39 -11.33
CA PHE B 67 -16.58 13.82 -12.49
C PHE B 67 -16.48 14.82 -13.63
N LEU B 68 -16.37 16.10 -13.26
CA LEU B 68 -16.24 17.17 -14.25
C LEU B 68 -15.23 18.21 -13.77
N VAL B 69 -14.30 18.57 -14.66
CA VAL B 69 -13.31 19.58 -14.35
C VAL B 69 -13.99 20.92 -14.12
N GLY B 70 -13.52 21.65 -13.11
CA GLY B 70 -14.05 22.96 -12.78
C GLY B 70 -13.13 24.06 -13.25
N LEU B 71 -13.66 25.28 -13.30
CA LEU B 71 -12.92 26.44 -13.75
C LEU B 71 -12.44 27.31 -12.59
N HIS B 72 -11.13 27.53 -12.50
CA HIS B 72 -10.57 28.39 -11.45
C HIS B 72 -10.71 29.86 -11.81
N SER B 73 -10.26 30.20 -13.01
CA SER B 73 -10.34 31.55 -13.53
C SER B 73 -10.08 31.54 -15.02
N CYS B 74 -10.33 32.65 -15.68
CA CYS B 74 -10.00 32.80 -17.08
C CYS B 74 -9.81 34.28 -17.41
N PHE B 75 -8.90 34.55 -18.34
CA PHE B 75 -8.61 35.92 -18.75
C PHE B 75 -8.29 35.95 -20.24
N GLN B 76 -7.96 37.13 -20.74
CA GLN B 76 -7.75 37.28 -22.17
C GLN B 76 -6.60 38.23 -22.51
N THR B 77 -5.78 37.83 -23.48
CA THR B 77 -4.87 38.74 -24.14
C THR B 77 -5.58 39.33 -25.35
N GLU B 78 -4.86 40.08 -26.17
CA GLU B 78 -5.49 40.73 -27.32
C GLU B 78 -5.94 39.73 -28.38
N SER B 79 -5.27 38.58 -28.45
CA SER B 79 -5.51 37.63 -29.52
C SER B 79 -6.01 36.28 -29.04
N ARG B 80 -5.85 36.00 -27.75
CA ARG B 80 -6.18 34.67 -27.22
C ARG B 80 -7.09 34.68 -25.99
N LEU B 81 -7.70 33.52 -25.73
CA LEU B 81 -8.47 33.33 -24.52
C LEU B 81 -7.76 32.32 -23.63
N PHE B 82 -7.85 32.51 -22.32
CA PHE B 82 -7.14 31.65 -21.37
C PHE B 82 -8.08 31.05 -20.34
N PHE B 83 -8.12 29.73 -20.29
CA PHE B 83 -8.97 29.04 -19.32
C PHE B 83 -8.11 28.37 -18.27
N VAL B 84 -8.13 28.92 -17.05
CA VAL B 84 -7.37 28.35 -15.95
C VAL B 84 -8.23 27.32 -15.24
N ILE B 85 -7.79 26.07 -15.29
CA ILE B 85 -8.63 24.95 -14.88
C ILE B 85 -8.02 24.04 -13.82
N GLU B 86 -8.86 23.56 -12.93
CA GLU B 86 -8.49 22.52 -11.97
C GLU B 86 -7.63 21.45 -12.65
N TYR B 87 -6.47 21.18 -12.07
CA TYR B 87 -5.54 20.22 -12.65
C TYR B 87 -5.78 18.79 -12.17
N VAL B 88 -5.77 17.84 -13.11
CA VAL B 88 -5.93 16.42 -12.80
C VAL B 88 -4.65 15.66 -13.17
N ASN B 89 -4.10 14.90 -12.22
CA ASN B 89 -2.78 14.33 -12.41
C ASN B 89 -2.69 12.80 -12.47
N GLY B 90 -3.80 12.15 -12.80
CA GLY B 90 -3.82 10.70 -12.90
C GLY B 90 -3.71 10.18 -14.33
N GLY B 91 -3.58 11.11 -15.27
CA GLY B 91 -3.53 10.76 -16.69
C GLY B 91 -4.91 10.65 -17.29
N ASP B 92 -5.04 9.82 -18.31
CA ASP B 92 -6.34 9.58 -18.95
C ASP B 92 -6.50 8.12 -19.38
N LEU B 93 -7.71 7.75 -19.79
CA LEU B 93 -7.98 6.37 -20.19
C LEU B 93 -7.14 5.94 -21.39
N MET B 94 -6.80 6.88 -22.26
CA MET B 94 -5.98 6.55 -23.40
C MET B 94 -4.60 6.06 -22.98
N PHE B 95 -3.93 6.83 -22.13
CA PHE B 95 -2.60 6.45 -21.67
C PHE B 95 -2.64 5.10 -20.94
N HIS B 96 -3.71 4.87 -20.19
CA HIS B 96 -3.89 3.63 -19.45
C HIS B 96 -4.10 2.45 -20.40
N MET B 97 -4.99 2.62 -21.38
CA MET B 97 -5.24 1.57 -22.36
C MET B 97 -4.00 1.24 -23.17
N GLN B 98 -3.11 2.23 -23.31
CA GLN B 98 -1.90 2.03 -24.10
C GLN B 98 -0.99 1.00 -23.46
N ARG B 99 -0.95 0.99 -22.12
CA ARG B 99 -0.13 0.04 -21.38
C ARG B 99 -0.90 -1.23 -21.06
N GLN B 100 -2.21 -1.08 -20.85
CA GLN B 100 -3.08 -2.21 -20.50
C GLN B 100 -3.53 -3.01 -21.72
N ARG B 101 -3.80 -2.31 -22.82
CA ARG B 101 -4.28 -2.93 -24.05
C ARG B 101 -5.73 -3.42 -23.91
N LYS B 102 -6.05 -4.04 -22.78
CA LYS B 102 -7.41 -4.53 -22.56
C LYS B 102 -7.78 -4.57 -21.08
N LEU B 103 -8.98 -4.10 -20.75
CA LEU B 103 -9.43 -4.06 -19.36
C LEU B 103 -10.46 -5.14 -19.05
N PRO B 104 -10.45 -5.64 -17.82
CA PRO B 104 -11.44 -6.61 -17.33
C PRO B 104 -12.83 -5.97 -17.29
N GLU B 105 -13.88 -6.77 -17.45
CA GLU B 105 -15.24 -6.23 -17.43
C GLU B 105 -15.50 -5.39 -16.19
N GLU B 106 -14.91 -5.79 -15.08
CA GLU B 106 -15.07 -5.06 -13.82
C GLU B 106 -14.55 -3.62 -13.94
N HIS B 107 -13.37 -3.47 -14.53
CA HIS B 107 -12.77 -2.15 -14.69
C HIS B 107 -13.61 -1.27 -15.61
N ALA B 108 -14.02 -1.83 -16.74
CA ALA B 108 -14.83 -1.09 -17.70
C ALA B 108 -16.15 -0.66 -17.09
N ARG B 109 -16.73 -1.51 -16.26
CA ARG B 109 -18.01 -1.21 -15.62
C ARG B 109 -17.87 -0.03 -14.68
N PHE B 110 -16.80 -0.03 -13.90
CA PHE B 110 -16.50 1.07 -12.99
C PHE B 110 -16.43 2.38 -13.75
N TYR B 111 -15.55 2.42 -14.75
CA TYR B 111 -15.34 3.63 -15.54
C TYR B 111 -16.62 4.07 -16.26
N SER B 112 -17.25 3.14 -16.96
CA SER B 112 -18.49 3.46 -17.68
C SER B 112 -19.58 3.96 -16.74
N ALA B 113 -19.57 3.49 -15.51
CA ALA B 113 -20.53 3.95 -14.50
C ALA B 113 -20.34 5.43 -14.19
N GLU B 114 -19.12 5.78 -13.81
CA GLU B 114 -18.80 7.18 -13.48
C GLU B 114 -19.05 8.12 -14.66
N ILE B 115 -18.69 7.68 -15.85
CA ILE B 115 -18.93 8.47 -17.05
C ILE B 115 -20.42 8.71 -17.28
N SER B 116 -21.23 7.69 -17.02
CA SER B 116 -22.67 7.80 -17.20
C SER B 116 -23.28 8.88 -16.29
N LEU B 117 -22.76 8.96 -15.08
CA LEU B 117 -23.23 9.95 -14.12
C LEU B 117 -22.91 11.36 -14.60
N ALA B 118 -21.72 11.52 -15.17
CA ALA B 118 -21.29 12.81 -15.68
C ALA B 118 -22.08 13.20 -16.93
N LEU B 119 -22.35 12.23 -17.80
CA LEU B 119 -23.12 12.50 -19.01
C LEU B 119 -24.57 12.84 -18.68
N ASN B 120 -25.19 11.98 -17.87
CA ASN B 120 -26.57 12.17 -17.46
C ASN B 120 -26.76 13.52 -16.82
N TYR B 121 -25.77 13.96 -16.05
CA TYR B 121 -25.82 15.24 -15.37
C TYR B 121 -25.80 16.41 -16.35
N LEU B 122 -24.95 16.30 -17.37
CA LEU B 122 -24.88 17.33 -18.40
C LEU B 122 -26.18 17.34 -19.20
N HIS B 123 -26.63 16.15 -19.57
CA HIS B 123 -27.91 16.01 -20.27
C HIS B 123 -29.03 16.62 -19.44
N GLU B 124 -29.05 16.29 -18.15
CA GLU B 124 -30.03 16.86 -17.23
C GLU B 124 -29.95 18.37 -17.24
N ARG B 125 -28.76 18.89 -17.49
CA ARG B 125 -28.56 20.34 -17.51
C ARG B 125 -28.75 20.92 -18.91
N GLY B 126 -29.36 20.13 -19.79
CA GLY B 126 -29.67 20.56 -21.14
C GLY B 126 -28.44 20.75 -22.01
N ILE B 127 -27.43 19.91 -21.80
CA ILE B 127 -26.17 20.00 -22.51
C ILE B 127 -25.78 18.68 -23.19
N ILE B 128 -25.28 18.78 -24.41
CA ILE B 128 -24.72 17.63 -25.11
C ILE B 128 -23.19 17.75 -25.16
N TYR B 129 -22.50 16.76 -24.62
CA TYR B 129 -21.04 16.76 -24.54
C TYR B 129 -20.38 16.75 -25.93
N ARG B 130 -20.75 15.75 -26.73
CA ARG B 130 -20.34 15.66 -28.13
C ARG B 130 -18.83 15.46 -28.40
N ASP B 131 -18.11 14.89 -27.45
CA ASP B 131 -16.70 14.60 -27.69
C ASP B 131 -16.11 13.64 -26.67
N LEU B 132 -16.90 12.63 -26.31
CA LEU B 132 -16.47 11.59 -25.40
C LEU B 132 -15.47 10.68 -26.11
N LYS B 133 -14.27 10.61 -25.57
CA LYS B 133 -13.24 9.72 -26.07
C LYS B 133 -12.21 9.45 -24.99
N LEU B 134 -11.41 8.41 -25.16
CA LEU B 134 -10.45 7.99 -24.15
C LEU B 134 -9.57 9.14 -23.61
N ASP B 135 -9.04 9.95 -24.52
CA ASP B 135 -8.12 11.01 -24.11
C ASP B 135 -8.83 12.25 -23.58
N ASN B 136 -10.16 12.24 -23.63
CA ASN B 136 -10.98 13.26 -22.98
C ASN B 136 -11.49 12.81 -21.61
N VAL B 137 -11.13 11.58 -21.24
CA VAL B 137 -11.49 11.04 -19.93
C VAL B 137 -10.27 10.98 -19.02
N LEU B 138 -10.13 11.98 -18.16
CA LEU B 138 -8.97 12.08 -17.28
C LEU B 138 -9.12 11.20 -16.03
N LEU B 139 -8.00 10.93 -15.39
CA LEU B 139 -8.00 10.20 -14.11
C LEU B 139 -7.32 11.07 -13.06
N ASP B 140 -7.92 11.15 -11.87
CA ASP B 140 -7.28 11.87 -10.78
C ASP B 140 -6.30 10.95 -10.07
N SER B 141 -5.59 11.47 -9.08
CA SER B 141 -4.59 10.68 -8.39
C SER B 141 -5.18 9.42 -7.77
N GLU B 142 -6.45 9.50 -7.36
CA GLU B 142 -7.11 8.39 -6.70
C GLU B 142 -7.51 7.31 -7.69
N GLY B 143 -7.93 7.71 -8.88
CA GLY B 143 -8.32 6.77 -9.91
C GLY B 143 -9.73 6.96 -10.40
N HIS B 144 -10.35 8.07 -10.04
CA HIS B 144 -11.69 8.40 -10.53
C HIS B 144 -11.58 9.23 -11.81
N ILE B 145 -12.61 9.16 -12.64
CA ILE B 145 -12.59 9.81 -13.95
C ILE B 145 -13.04 11.26 -13.89
N LYS B 146 -12.63 12.04 -14.88
CA LYS B 146 -13.03 13.44 -15.01
C LYS B 146 -13.02 13.85 -16.47
N LEU B 147 -14.19 14.26 -16.97
CA LEU B 147 -14.30 14.74 -18.35
C LEU B 147 -13.72 16.14 -18.47
N THR B 148 -12.98 16.38 -19.55
CA THR B 148 -12.37 17.69 -19.77
C THR B 148 -12.68 18.20 -21.17
N ASP B 149 -12.17 19.38 -21.49
CA ASP B 149 -12.33 19.97 -22.82
C ASP B 149 -13.79 20.00 -23.28
N TYR B 150 -14.52 21.03 -22.84
CA TYR B 150 -15.93 21.17 -23.15
C TYR B 150 -16.14 21.89 -24.48
N GLY B 151 -15.11 21.94 -25.32
CA GLY B 151 -15.15 22.71 -26.55
C GLY B 151 -16.22 22.34 -27.56
N MET B 152 -16.83 21.17 -27.40
CA MET B 152 -17.81 20.69 -28.38
C MET B 152 -19.25 20.71 -27.83
N CYS B 153 -19.41 21.12 -26.59
CA CYS B 153 -20.71 21.07 -25.95
C CYS B 153 -21.78 21.88 -26.69
N LYS B 154 -23.00 21.35 -26.68
CA LYS B 154 -24.17 22.11 -27.13
C LYS B 154 -25.03 22.45 -25.91
N GLU B 155 -25.56 23.66 -25.88
CA GLU B 155 -26.24 24.17 -24.70
C GLU B 155 -27.69 24.56 -24.99
N GLY B 156 -28.48 24.68 -23.92
CA GLY B 156 -29.85 25.13 -24.03
C GLY B 156 -30.76 24.16 -24.76
N LEU B 157 -30.53 22.87 -24.57
CA LEU B 157 -31.37 21.85 -25.19
C LEU B 157 -32.59 21.50 -24.35
N ARG B 158 -33.76 21.93 -24.81
CA ARG B 158 -35.00 21.62 -24.13
C ARG B 158 -35.53 20.27 -24.59
N PRO B 159 -36.42 19.66 -23.80
CA PRO B 159 -37.01 18.37 -24.17
C PRO B 159 -37.61 18.42 -25.57
N GLY B 160 -37.19 17.49 -26.43
CA GLY B 160 -37.68 17.45 -27.80
C GLY B 160 -36.84 18.29 -28.74
N ASP B 161 -36.02 19.16 -28.16
CA ASP B 161 -35.11 20.00 -28.93
C ASP B 161 -34.07 19.15 -29.64
N THR B 162 -33.42 19.74 -30.65
CA THR B 162 -32.44 19.01 -31.45
C THR B 162 -31.48 19.97 -32.14
N THR B 163 -30.20 19.63 -32.14
CA THR B 163 -29.19 20.41 -32.84
C THR B 163 -28.76 19.63 -34.09
N SER B 164 -27.93 20.23 -34.95
CA SER B 164 -27.62 19.57 -36.22
C SER B 164 -26.17 19.72 -36.73
N TPO B 165 -25.30 20.39 -35.97
CA TPO B 165 -23.92 20.53 -36.41
CB TPO B 165 -23.10 21.37 -35.42
CG2 TPO B 165 -21.67 21.49 -35.94
OG1 TPO B 165 -23.64 22.68 -35.30
P TPO B 165 -24.20 22.79 -33.79
O1P TPO B 165 -24.65 21.44 -33.35
O2P TPO B 165 -23.03 23.26 -32.80
O3P TPO B 165 -25.42 23.83 -33.76
C TPO B 165 -23.26 19.17 -36.63
O TPO B 165 -23.45 18.24 -35.85
N PHE B 166 -22.46 19.07 -37.68
CA PHE B 166 -21.64 17.89 -37.90
C PHE B 166 -20.31 18.11 -37.20
N CYS B 167 -20.10 17.39 -36.09
CA CYS B 167 -18.89 17.56 -35.29
C CYS B 167 -18.51 16.28 -34.54
N GLY B 168 -17.40 16.35 -33.81
CA GLY B 168 -16.94 15.22 -33.03
C GLY B 168 -15.59 14.68 -33.45
N THR B 169 -15.23 13.53 -32.90
CA THR B 169 -14.00 12.84 -33.32
C THR B 169 -14.41 11.60 -34.12
N PRO B 170 -14.07 11.60 -35.43
CA PRO B 170 -14.55 10.62 -36.41
C PRO B 170 -14.86 9.23 -35.84
N ASN B 171 -13.87 8.58 -35.23
CA ASN B 171 -14.09 7.26 -34.65
C ASN B 171 -15.31 7.18 -33.72
N TYR B 172 -15.72 8.29 -33.15
CA TYR B 172 -16.80 8.26 -32.16
C TYR B 172 -18.09 8.90 -32.66
N ILE B 173 -18.05 9.49 -33.85
CA ILE B 173 -19.22 10.19 -34.38
C ILE B 173 -20.36 9.21 -34.67
N ALA B 174 -21.56 9.54 -34.19
CA ALA B 174 -22.72 8.66 -34.30
C ALA B 174 -23.28 8.63 -35.71
N PRO B 175 -23.95 7.52 -36.07
CA PRO B 175 -24.52 7.29 -37.39
C PRO B 175 -25.53 8.36 -37.79
N GLU B 176 -26.31 8.85 -36.83
CA GLU B 176 -27.33 9.85 -37.13
C GLU B 176 -26.70 11.18 -37.55
N ILE B 177 -25.49 11.45 -37.07
CA ILE B 177 -24.74 12.62 -37.53
C ILE B 177 -24.22 12.37 -38.93
N LEU B 178 -23.70 11.17 -39.15
CA LEU B 178 -23.17 10.79 -40.45
C LEU B 178 -24.25 10.83 -41.52
N ARG B 179 -25.49 10.58 -41.12
CA ARG B 179 -26.62 10.62 -42.03
C ARG B 179 -27.13 12.04 -42.22
N GLY B 180 -26.64 12.95 -41.39
CA GLY B 180 -27.01 14.35 -41.47
C GLY B 180 -28.38 14.66 -40.87
N GLU B 181 -28.78 13.88 -39.87
CA GLU B 181 -30.06 14.08 -39.20
C GLU B 181 -29.93 15.00 -37.99
N ASP B 182 -31.00 15.70 -37.64
CA ASP B 182 -31.04 16.42 -36.37
C ASP B 182 -30.89 15.41 -35.24
N TYR B 183 -30.07 15.75 -34.23
CA TYR B 183 -29.77 14.81 -33.17
C TYR B 183 -29.85 15.47 -31.79
N GLY B 184 -29.81 14.65 -30.74
CA GLY B 184 -29.81 15.10 -29.37
C GLY B 184 -28.78 14.36 -28.51
N PHE B 185 -29.18 13.97 -27.31
CA PHE B 185 -28.27 13.33 -26.36
C PHE B 185 -27.79 11.96 -26.81
N SER B 186 -28.53 11.34 -27.73
CA SER B 186 -28.19 9.99 -28.18
C SER B 186 -26.73 9.87 -28.59
N VAL B 187 -26.17 10.94 -29.15
CA VAL B 187 -24.80 10.89 -29.62
C VAL B 187 -23.84 10.55 -28.48
N ASP B 188 -24.12 11.06 -27.28
CA ASP B 188 -23.26 10.78 -26.14
C ASP B 188 -23.21 9.30 -25.79
N TRP B 189 -24.37 8.63 -25.82
CA TRP B 189 -24.42 7.24 -25.43
C TRP B 189 -23.76 6.33 -26.47
N TRP B 190 -23.83 6.70 -27.74
CA TRP B 190 -23.11 5.98 -28.78
C TRP B 190 -21.61 6.05 -28.54
N ALA B 191 -21.12 7.24 -28.22
CA ALA B 191 -19.71 7.43 -27.93
C ALA B 191 -19.27 6.57 -26.75
N LEU B 192 -20.11 6.48 -25.73
CA LEU B 192 -19.82 5.65 -24.56
C LEU B 192 -19.77 4.18 -24.95
N GLY B 193 -20.62 3.79 -25.89
CA GLY B 193 -20.61 2.44 -26.42
C GLY B 193 -19.28 2.14 -27.10
N VAL B 194 -18.82 3.08 -27.92
CA VAL B 194 -17.55 2.91 -28.62
C VAL B 194 -16.37 2.83 -27.65
N LEU B 195 -16.41 3.67 -26.61
CA LEU B 195 -15.35 3.71 -25.61
C LEU B 195 -15.35 2.44 -24.79
N MET B 196 -16.53 1.99 -24.39
CA MET B 196 -16.65 0.72 -23.67
C MET B 196 -16.14 -0.43 -24.54
N PHE B 197 -16.40 -0.37 -25.84
CA PHE B 197 -15.90 -1.40 -26.74
C PHE B 197 -14.38 -1.40 -26.70
N GLU B 198 -13.78 -0.23 -26.86
CA GLU B 198 -12.33 -0.09 -26.82
C GLU B 198 -11.75 -0.62 -25.51
N MET B 199 -12.38 -0.27 -24.39
CA MET B 199 -11.91 -0.75 -23.09
C MET B 199 -11.90 -2.28 -23.00
N MET B 200 -12.99 -2.91 -23.40
CA MET B 200 -13.12 -4.35 -23.19
C MET B 200 -12.59 -5.19 -24.35
N ALA B 201 -12.47 -4.60 -25.53
CA ALA B 201 -12.02 -5.34 -26.71
C ALA B 201 -10.57 -5.08 -27.05
N GLY B 202 -10.04 -3.96 -26.59
CA GLY B 202 -8.65 -3.59 -26.84
C GLY B 202 -8.46 -2.92 -28.18
N ARG B 203 -9.56 -2.67 -28.88
CA ARG B 203 -9.51 -2.05 -30.19
C ARG B 203 -10.83 -1.33 -30.45
N SER B 204 -10.83 -0.44 -31.44
CA SER B 204 -12.05 0.22 -31.86
C SER B 204 -12.92 -0.77 -32.65
N PRO B 205 -14.24 -0.62 -32.55
CA PRO B 205 -15.17 -1.46 -33.31
C PRO B 205 -15.01 -1.18 -34.80
N PHE B 206 -14.25 -0.15 -35.14
CA PHE B 206 -14.10 0.24 -36.54
C PHE B 206 -12.64 0.26 -37.00
N ASP B 207 -11.79 -0.51 -36.32
CA ASP B 207 -10.39 -0.60 -36.71
C ASP B 207 -10.23 -1.38 -38.01
N ILE B 208 -9.10 -1.18 -38.68
CA ILE B 208 -8.85 -1.78 -39.98
C ILE B 208 -7.75 -2.84 -39.95
N VAL B 209 -7.86 -3.82 -40.84
CA VAL B 209 -6.88 -4.91 -40.95
C VAL B 209 -6.48 -5.46 -39.59
N ASN B 218 -11.61 9.69 -48.65
CA ASN B 218 -10.26 9.47 -48.14
C ASN B 218 -10.23 8.38 -47.08
N THR B 219 -9.18 8.38 -46.26
CA THR B 219 -9.03 7.40 -45.20
C THR B 219 -10.15 7.57 -44.18
N GLU B 220 -10.61 8.80 -44.04
CA GLU B 220 -11.67 9.13 -43.09
C GLU B 220 -13.05 8.94 -43.70
N ASP B 221 -13.15 9.05 -45.02
CA ASP B 221 -14.40 8.82 -45.71
C ASP B 221 -14.78 7.34 -45.65
N TYR B 222 -13.78 6.47 -45.69
CA TYR B 222 -13.97 5.04 -45.57
C TYR B 222 -14.39 4.66 -44.15
N LEU B 223 -13.79 5.33 -43.17
CA LEU B 223 -14.16 5.15 -41.79
C LEU B 223 -15.66 5.37 -41.60
N PHE B 224 -16.16 6.45 -42.16
CA PHE B 224 -17.58 6.80 -42.07
C PHE B 224 -18.44 5.75 -42.78
N GLN B 225 -17.88 5.09 -43.78
CA GLN B 225 -18.62 4.05 -44.48
C GLN B 225 -18.80 2.83 -43.58
N VAL B 226 -17.73 2.44 -42.89
CA VAL B 226 -17.77 1.32 -41.97
C VAL B 226 -18.83 1.51 -40.91
N ILE B 227 -18.85 2.67 -40.27
CA ILE B 227 -19.79 2.97 -39.20
C ILE B 227 -21.23 2.86 -39.65
N LEU B 228 -21.51 3.26 -40.89
CA LEU B 228 -22.88 3.27 -41.41
C LEU B 228 -23.38 1.92 -41.92
N GLU B 229 -22.48 1.08 -42.43
CA GLU B 229 -22.89 -0.12 -43.17
C GLU B 229 -22.49 -1.44 -42.52
N LYS B 230 -21.28 -1.50 -42.00
CA LYS B 230 -20.76 -2.75 -41.44
C LYS B 230 -21.47 -3.09 -40.13
N GLN B 231 -21.95 -4.32 -40.05
CA GLN B 231 -22.61 -4.82 -38.85
C GLN B 231 -21.61 -4.86 -37.70
N ILE B 232 -22.00 -4.31 -36.56
CA ILE B 232 -21.13 -4.32 -35.37
C ILE B 232 -21.28 -5.63 -34.60
N ARG B 233 -20.17 -6.34 -34.45
CA ARG B 233 -20.16 -7.64 -33.78
C ARG B 233 -19.24 -7.65 -32.54
N ILE B 234 -19.78 -8.12 -31.42
CA ILE B 234 -19.03 -8.23 -30.18
C ILE B 234 -18.19 -9.49 -30.14
N PRO B 235 -16.93 -9.39 -29.72
CA PRO B 235 -16.05 -10.57 -29.68
C PRO B 235 -16.61 -11.68 -28.79
N ARG B 236 -16.39 -12.92 -29.20
CA ARG B 236 -16.98 -14.07 -28.53
C ARG B 236 -16.50 -14.25 -27.09
N SER B 237 -15.38 -13.62 -26.74
CA SER B 237 -14.77 -13.84 -25.43
C SER B 237 -15.44 -13.03 -24.30
N LEU B 238 -16.24 -12.03 -24.67
CA LEU B 238 -16.91 -11.19 -23.68
C LEU B 238 -18.18 -11.85 -23.15
N SER B 239 -18.55 -11.51 -21.92
CA SER B 239 -19.72 -12.13 -21.28
C SER B 239 -21.01 -11.70 -21.98
N VAL B 240 -22.09 -12.42 -21.69
CA VAL B 240 -23.38 -12.09 -22.26
C VAL B 240 -23.83 -10.70 -21.80
N LYS B 241 -23.48 -10.35 -20.56
CA LYS B 241 -23.78 -9.03 -20.01
C LYS B 241 -23.13 -7.94 -20.85
N ALA B 242 -21.86 -8.13 -21.17
CA ALA B 242 -21.10 -7.16 -21.95
C ALA B 242 -21.62 -7.06 -23.38
N ALA B 243 -21.86 -8.20 -24.00
CA ALA B 243 -22.36 -8.22 -25.37
C ALA B 243 -23.62 -7.37 -25.50
N SER B 244 -24.46 -7.42 -24.46
CA SER B 244 -25.73 -6.71 -24.46
C SER B 244 -25.59 -5.19 -24.39
N VAL B 245 -24.91 -4.69 -23.36
CA VAL B 245 -24.72 -3.25 -23.21
C VAL B 245 -23.99 -2.68 -24.42
N LEU B 246 -22.91 -3.37 -24.81
CA LEU B 246 -22.14 -2.94 -25.96
C LEU B 246 -23.04 -2.84 -27.17
N LYS B 247 -23.75 -3.93 -27.45
CA LYS B 247 -24.60 -3.96 -28.62
C LYS B 247 -25.74 -2.97 -28.47
N SER B 248 -26.11 -2.67 -27.24
CA SER B 248 -27.26 -1.80 -26.97
C SER B 248 -26.91 -0.32 -27.11
N PHE B 249 -25.74 0.07 -26.60
CA PHE B 249 -25.26 1.43 -26.78
C PHE B 249 -24.86 1.65 -28.24
N LEU B 250 -24.48 0.57 -28.92
CA LEU B 250 -24.01 0.68 -30.29
C LEU B 250 -25.12 0.39 -31.30
N ASN B 251 -26.35 0.72 -30.93
CA ASN B 251 -27.49 0.60 -31.82
C ASN B 251 -27.58 1.82 -32.74
N LYS B 252 -27.49 1.58 -34.04
CA LYS B 252 -27.44 2.64 -35.04
C LYS B 252 -28.72 3.48 -35.11
N ASP B 253 -29.79 3.00 -34.51
CA ASP B 253 -31.03 3.76 -34.44
C ASP B 253 -31.14 4.51 -33.11
N PRO B 254 -30.99 5.85 -33.16
CA PRO B 254 -31.07 6.68 -31.95
C PRO B 254 -32.32 6.38 -31.13
N LYS B 255 -33.42 6.07 -31.81
CA LYS B 255 -34.68 5.80 -31.14
C LYS B 255 -34.60 4.56 -30.24
N GLU B 256 -33.87 3.55 -30.71
CA GLU B 256 -33.82 2.26 -30.02
C GLU B 256 -32.55 2.08 -29.18
N ARG B 257 -31.65 3.05 -29.24
CA ARG B 257 -30.38 2.98 -28.52
C ARG B 257 -30.55 3.06 -27.01
N LEU B 258 -29.75 2.30 -26.27
CA LEU B 258 -29.79 2.33 -24.82
C LEU B 258 -29.51 3.72 -24.27
N GLY B 259 -30.28 4.12 -23.26
CA GLY B 259 -30.10 5.41 -22.62
C GLY B 259 -30.75 6.58 -23.34
N CYS B 260 -31.39 6.31 -24.48
CA CYS B 260 -31.94 7.37 -25.32
C CYS B 260 -33.45 7.54 -25.19
N HIS B 261 -34.10 6.68 -24.42
CA HIS B 261 -35.53 6.81 -24.19
C HIS B 261 -35.84 8.11 -23.45
N PRO B 262 -36.71 8.93 -24.04
CA PRO B 262 -37.02 10.28 -23.54
C PRO B 262 -37.32 10.30 -22.04
N GLN B 263 -37.98 9.27 -21.54
CA GLN B 263 -38.41 9.26 -20.14
C GLN B 263 -37.45 8.48 -19.25
N THR B 264 -37.26 7.20 -19.57
CA THR B 264 -36.51 6.29 -18.73
C THR B 264 -35.09 6.01 -19.22
N GLY B 265 -34.60 6.88 -20.10
CA GLY B 265 -33.28 6.71 -20.68
C GLY B 265 -32.23 6.30 -19.67
N PHE B 266 -31.99 7.17 -18.70
CA PHE B 266 -30.93 6.95 -17.71
C PHE B 266 -31.26 5.82 -16.73
N ALA B 267 -32.55 5.54 -16.54
CA ALA B 267 -32.95 4.45 -15.68
C ALA B 267 -32.67 3.12 -16.37
N ASP B 268 -32.90 3.08 -17.68
CA ASP B 268 -32.65 1.87 -18.45
C ASP B 268 -31.19 1.47 -18.38
N ILE B 269 -30.31 2.47 -18.33
CA ILE B 269 -28.89 2.21 -18.14
C ILE B 269 -28.65 1.62 -16.77
N GLN B 270 -29.05 2.36 -15.74
CA GLN B 270 -28.87 1.92 -14.36
C GLN B 270 -29.44 0.53 -14.10
N GLY B 271 -30.47 0.16 -14.85
CA GLY B 271 -31.14 -1.12 -14.67
C GLY B 271 -30.50 -2.27 -15.43
N HIS B 272 -29.71 -1.96 -16.45
CA HIS B 272 -29.11 -2.99 -17.30
C HIS B 272 -28.27 -3.98 -16.49
N PRO B 273 -28.40 -5.27 -16.82
CA PRO B 273 -27.71 -6.37 -16.14
C PRO B 273 -26.21 -6.11 -15.95
N PHE B 274 -25.58 -5.50 -16.94
CA PHE B 274 -24.15 -5.18 -16.87
C PHE B 274 -23.84 -4.33 -15.65
N PHE B 275 -24.72 -3.39 -15.33
CA PHE B 275 -24.54 -2.52 -14.18
C PHE B 275 -25.27 -3.04 -12.95
N ARG B 276 -25.66 -4.31 -13.00
CA ARG B 276 -26.29 -4.94 -11.84
C ARG B 276 -25.28 -4.99 -10.70
N ASN B 277 -25.77 -4.88 -9.47
CA ASN B 277 -24.90 -4.88 -8.30
C ASN B 277 -24.01 -3.65 -8.22
N VAL B 278 -24.39 -2.60 -8.94
CA VAL B 278 -23.71 -1.31 -8.85
C VAL B 278 -24.46 -0.35 -7.94
N ASP B 279 -23.81 0.08 -6.87
CA ASP B 279 -24.40 1.07 -5.97
C ASP B 279 -24.20 2.47 -6.54
N TRP B 280 -25.17 2.95 -7.31
CA TRP B 280 -25.03 4.24 -7.97
C TRP B 280 -24.84 5.40 -7.01
N ASP B 281 -25.55 5.38 -5.89
CA ASP B 281 -25.43 6.45 -4.92
C ASP B 281 -24.00 6.54 -4.38
N MET B 282 -23.49 5.43 -3.88
CA MET B 282 -22.13 5.39 -3.36
C MET B 282 -21.11 5.69 -4.45
N MET B 283 -21.40 5.20 -5.66
CA MET B 283 -20.55 5.46 -6.81
C MET B 283 -20.40 6.96 -7.03
N GLU B 284 -21.51 7.68 -6.84
CA GLU B 284 -21.59 9.11 -7.12
C GLU B 284 -20.94 9.97 -6.04
N GLN B 285 -20.84 9.45 -4.83
CA GLN B 285 -20.14 10.16 -3.76
C GLN B 285 -18.70 9.67 -3.71
N LYS B 286 -18.31 8.92 -4.73
CA LYS B 286 -16.96 8.36 -4.81
C LYS B 286 -16.64 7.45 -3.62
N GLN B 287 -17.69 6.87 -3.04
CA GLN B 287 -17.53 5.95 -1.93
C GLN B 287 -17.28 4.53 -2.44
N VAL B 288 -17.10 4.41 -3.75
CA VAL B 288 -16.70 3.15 -4.38
C VAL B 288 -15.25 3.25 -4.83
N VAL B 289 -14.45 2.25 -4.47
CA VAL B 289 -13.01 2.31 -4.70
C VAL B 289 -12.60 1.92 -6.12
N PRO B 290 -11.81 2.79 -6.77
CA PRO B 290 -11.28 2.60 -8.13
C PRO B 290 -10.37 1.37 -8.24
N PRO B 291 -10.44 0.67 -9.38
CA PRO B 291 -9.64 -0.53 -9.66
C PRO B 291 -8.22 -0.18 -10.11
N PHE B 292 -7.84 1.09 -10.00
CA PHE B 292 -6.51 1.51 -10.43
C PHE B 292 -6.13 2.89 -9.91
N LYS B 293 -4.95 2.96 -9.29
CA LYS B 293 -4.44 4.23 -8.78
C LYS B 293 -3.31 4.72 -9.66
N PRO B 294 -3.58 5.78 -10.45
CA PRO B 294 -2.68 6.33 -11.46
C PRO B 294 -1.30 6.63 -10.92
N ASN B 295 -1.23 7.46 -9.89
CA ASN B 295 0.00 7.68 -9.15
C ASN B 295 0.54 6.36 -8.60
N ILE B 296 1.75 6.40 -8.06
CA ILE B 296 2.33 5.22 -7.40
C ILE B 296 2.46 4.01 -8.31
N SER B 297 2.15 4.17 -9.60
CA SER B 297 2.06 3.04 -10.51
C SER B 297 2.52 3.42 -11.90
N GLY B 298 2.24 2.56 -12.87
CA GLY B 298 2.42 2.90 -14.26
C GLY B 298 3.78 3.47 -14.63
N GLU B 299 3.77 4.32 -15.66
CA GLU B 299 4.96 5.05 -16.08
C GLU B 299 4.58 6.45 -16.57
N GLN B 315 7.12 30.58 -25.04
CA GLN B 315 6.49 29.32 -25.40
C GLN B 315 5.25 29.53 -26.27
N LEU B 316 4.55 30.63 -26.02
CA LEU B 316 3.34 30.93 -26.78
C LEU B 316 3.66 31.47 -28.18
N TPO B 317 3.12 30.81 -29.19
CA TPO B 317 3.30 31.26 -30.57
CB TPO B 317 2.37 30.50 -31.50
CG2 TPO B 317 2.57 31.00 -32.93
OG1 TPO B 317 2.73 29.11 -31.44
P TPO B 317 1.55 28.33 -30.66
O1P TPO B 317 0.25 28.57 -31.34
O2P TPO B 317 1.47 28.83 -29.15
O3P TPO B 317 1.88 26.75 -30.69
C TPO B 317 3.03 32.77 -30.66
O TPO B 317 2.06 33.28 -30.12
N PRO B 318 3.94 33.49 -31.35
CA PRO B 318 3.80 34.93 -31.57
C PRO B 318 2.55 35.27 -32.37
N ASP B 319 1.89 36.36 -32.01
CA ASP B 319 0.69 36.80 -32.72
C ASP B 319 0.98 37.18 -34.15
N ASP B 320 -0.06 37.12 -34.98
CA ASP B 320 0.01 37.63 -36.33
C ASP B 320 -0.59 39.04 -36.29
N ASP B 321 0.26 40.04 -36.16
CA ASP B 321 -0.20 41.41 -35.95
C ASP B 321 -1.24 41.85 -36.98
N ASP B 322 -1.10 41.37 -38.20
CA ASP B 322 -2.04 41.72 -39.26
C ASP B 322 -3.40 41.03 -39.04
N ILE B 323 -3.37 39.91 -38.32
CA ILE B 323 -4.60 39.23 -37.95
C ILE B 323 -5.22 39.87 -36.72
N VAL B 324 -4.43 39.98 -35.66
CA VAL B 324 -4.90 40.56 -34.40
C VAL B 324 -5.52 41.93 -34.63
N ARG B 325 -4.88 42.72 -35.49
CA ARG B 325 -5.36 44.07 -35.79
C ARG B 325 -6.81 44.11 -36.27
N LYS B 326 -7.26 43.05 -36.94
CA LYS B 326 -8.60 43.03 -37.52
C LYS B 326 -9.56 42.11 -36.78
N ILE B 327 -9.15 41.59 -35.64
CA ILE B 327 -10.00 40.70 -34.84
C ILE B 327 -11.28 41.38 -34.35
N ASP B 328 -12.36 40.62 -34.31
CA ASP B 328 -13.63 41.08 -33.78
C ASP B 328 -13.76 40.73 -32.30
N GLN B 329 -13.56 41.73 -31.43
CA GLN B 329 -13.53 41.50 -29.99
C GLN B 329 -14.93 41.44 -29.38
N SER B 330 -15.94 41.64 -30.22
CA SER B 330 -17.32 41.68 -29.75
C SER B 330 -17.63 40.57 -28.75
N GLU B 331 -17.42 39.33 -29.18
CA GLU B 331 -17.83 38.16 -28.39
C GLU B 331 -17.06 38.02 -27.08
N PHE B 332 -15.93 38.70 -26.96
CA PHE B 332 -15.05 38.50 -25.82
C PHE B 332 -15.14 39.63 -24.78
N GLU B 333 -15.98 40.61 -25.05
CA GLU B 333 -16.18 41.73 -24.14
C GLU B 333 -16.64 41.20 -22.78
N GLY B 334 -15.91 41.55 -21.73
CA GLY B 334 -16.24 41.10 -20.39
C GLY B 334 -16.01 39.62 -20.18
N PHE B 335 -14.88 39.12 -20.67
CA PHE B 335 -14.55 37.70 -20.57
C PHE B 335 -13.97 37.32 -19.22
N GLU B 336 -13.25 38.25 -18.60
CA GLU B 336 -12.58 37.99 -17.34
C GLU B 336 -13.52 37.36 -16.32
N TYR B 337 -12.95 36.52 -15.45
CA TYR B 337 -13.75 35.82 -14.44
C TYR B 337 -12.88 35.12 -13.41
N ILE B 338 -13.42 35.00 -12.21
CA ILE B 338 -12.80 34.23 -11.12
C ILE B 338 -13.87 33.48 -10.35
N ASN B 339 -13.58 32.25 -9.95
CA ASN B 339 -14.55 31.46 -9.19
C ASN B 339 -14.48 31.84 -7.72
N PRO B 340 -15.57 32.43 -7.18
CA PRO B 340 -15.61 32.85 -5.78
C PRO B 340 -15.50 31.67 -4.82
N LEU B 341 -15.98 30.51 -5.25
CA LEU B 341 -15.82 29.29 -4.47
C LEU B 341 -14.40 28.82 -4.72
N LEU B 342 -13.45 29.66 -4.27
CA LEU B 342 -12.04 29.52 -4.63
C LEU B 342 -11.61 28.07 -4.82
N SER C 1 -24.63 -34.92 -5.26
CA SER C 1 -23.20 -35.24 -5.25
C SER C 1 -22.85 -36.21 -4.14
N LEU C 2 -21.89 -35.84 -3.31
CA LEU C 2 -21.45 -36.68 -2.19
C LEU C 2 -22.47 -36.63 -1.06
N GLY C 3 -22.37 -37.60 -0.15
CA GLY C 3 -23.28 -37.68 0.98
C GLY C 3 -22.87 -38.74 1.98
N LEU C 4 -23.62 -38.84 3.07
CA LEU C 4 -23.32 -39.80 4.12
C LEU C 4 -23.42 -41.24 3.61
N GLN C 5 -24.27 -41.45 2.61
CA GLN C 5 -24.44 -42.77 2.01
C GLN C 5 -23.12 -43.32 1.46
N ASP C 6 -22.29 -42.42 0.94
CA ASP C 6 -21.03 -42.80 0.31
C ASP C 6 -19.94 -43.16 1.32
N PHE C 7 -20.32 -43.26 2.60
CA PHE C 7 -19.34 -43.50 3.65
C PHE C 7 -19.74 -44.62 4.60
N ASP C 8 -18.76 -45.17 5.29
CA ASP C 8 -18.99 -46.15 6.35
C ASP C 8 -18.49 -45.60 7.68
N LEU C 9 -19.42 -45.35 8.60
CA LEU C 9 -19.07 -44.78 9.90
C LEU C 9 -18.45 -45.82 10.84
N LEU C 10 -17.12 -45.88 10.84
CA LEU C 10 -16.39 -46.86 11.65
C LEU C 10 -16.49 -46.58 13.15
N ARG C 11 -15.96 -45.45 13.59
CA ARG C 11 -15.97 -45.12 15.01
C ARG C 11 -15.83 -43.62 15.29
N VAL C 12 -16.13 -43.23 16.53
CA VAL C 12 -15.96 -41.84 16.97
C VAL C 12 -14.59 -41.69 17.63
N ILE C 13 -13.84 -40.68 17.21
CA ILE C 13 -12.48 -40.50 17.69
C ILE C 13 -12.24 -39.12 18.30
N GLY C 14 -13.28 -38.30 18.34
CA GLY C 14 -13.19 -36.97 18.89
C GLY C 14 -14.56 -36.36 19.10
N ARG C 15 -14.69 -35.56 20.15
CA ARG C 15 -15.97 -34.94 20.49
C ARG C 15 -15.79 -33.70 21.37
N GLY C 16 -16.07 -32.53 20.82
CA GLY C 16 -16.08 -31.32 21.60
C GLY C 16 -17.49 -30.99 22.04
N SER C 17 -17.71 -29.76 22.48
CA SER C 17 -19.04 -29.31 22.89
C SER C 17 -19.86 -28.96 21.66
N TYR C 18 -19.22 -28.29 20.73
CA TYR C 18 -19.84 -27.81 19.51
C TYR C 18 -19.79 -28.88 18.41
N ALA C 19 -18.69 -29.63 18.36
CA ALA C 19 -18.43 -30.51 17.23
C ALA C 19 -18.09 -31.96 17.60
N LYS C 20 -18.31 -32.85 16.64
CA LYS C 20 -18.03 -34.28 16.79
C LYS C 20 -17.28 -34.84 15.58
N VAL C 21 -16.27 -35.67 15.81
CA VAL C 21 -15.44 -36.22 14.73
C VAL C 21 -15.50 -37.75 14.68
N LEU C 22 -15.81 -38.28 13.50
CA LEU C 22 -15.93 -39.73 13.31
C LEU C 22 -14.84 -40.27 12.38
N LEU C 23 -14.48 -41.53 12.59
CA LEU C 23 -13.64 -42.25 11.64
C LEU C 23 -14.52 -42.86 10.56
N VAL C 24 -14.21 -42.59 9.30
CA VAL C 24 -15.04 -43.05 8.20
C VAL C 24 -14.24 -43.75 7.10
N ARG C 25 -14.94 -44.54 6.29
CA ARG C 25 -14.33 -45.23 5.17
C ARG C 25 -15.11 -44.96 3.89
N LEU C 26 -14.43 -44.40 2.89
CA LEU C 26 -15.05 -44.14 1.60
C LEU C 26 -15.36 -45.44 0.89
N LYS C 27 -16.65 -45.76 0.78
CA LYS C 27 -17.10 -47.03 0.23
C LYS C 27 -16.53 -47.31 -1.16
N LYS C 28 -16.74 -46.38 -2.08
CA LYS C 28 -16.37 -46.59 -3.48
C LYS C 28 -14.87 -46.53 -3.71
N THR C 29 -14.11 -46.26 -2.65
CA THR C 29 -12.65 -46.18 -2.76
C THR C 29 -11.97 -47.08 -1.73
N ASP C 30 -12.72 -47.45 -0.69
CA ASP C 30 -12.19 -48.29 0.38
C ASP C 30 -11.02 -47.61 1.09
N ARG C 31 -10.96 -46.29 0.99
CA ARG C 31 -9.92 -45.51 1.67
C ARG C 31 -10.49 -44.81 2.90
N ILE C 32 -9.66 -44.59 3.89
CA ILE C 32 -10.12 -44.01 5.15
C ILE C 32 -9.86 -42.51 5.29
N TYR C 33 -10.87 -41.81 5.80
CA TYR C 33 -10.81 -40.37 6.04
C TYR C 33 -11.40 -40.07 7.41
N ALA C 34 -11.13 -38.87 7.91
CA ALA C 34 -11.71 -38.42 9.16
C ALA C 34 -12.83 -37.41 8.87
N MET C 35 -13.94 -37.54 9.57
CA MET C 35 -15.11 -36.70 9.29
C MET C 35 -15.44 -35.76 10.44
N LYS C 36 -15.48 -34.47 10.14
CA LYS C 36 -15.80 -33.45 11.12
C LYS C 36 -17.24 -33.00 10.92
N VAL C 37 -18.07 -33.23 11.92
CA VAL C 37 -19.49 -32.91 11.80
C VAL C 37 -19.89 -31.81 12.79
N VAL C 38 -20.59 -30.79 12.29
CA VAL C 38 -21.08 -29.71 13.14
C VAL C 38 -22.52 -29.37 12.78
N LYS C 39 -23.36 -29.25 13.80
CA LYS C 39 -24.76 -28.90 13.65
C LYS C 39 -24.91 -27.47 13.12
N LYS C 40 -25.62 -27.34 12.00
CA LYS C 40 -25.75 -26.06 11.32
C LYS C 40 -26.37 -24.98 12.21
N GLU C 41 -27.19 -25.42 13.17
CA GLU C 41 -27.83 -24.53 14.12
C GLU C 41 -26.83 -23.80 15.01
N LEU C 42 -25.82 -24.52 15.47
CA LEU C 42 -24.81 -23.91 16.32
C LEU C 42 -23.84 -23.03 15.53
N VAL C 43 -23.71 -23.29 14.23
CA VAL C 43 -22.84 -22.47 13.39
C VAL C 43 -23.44 -21.07 13.21
N ASN C 44 -24.76 -20.98 13.17
CA ASN C 44 -25.45 -19.70 13.07
C ASN C 44 -25.51 -18.94 14.40
N ASP C 45 -25.73 -19.66 15.50
CA ASP C 45 -25.91 -19.01 16.80
C ASP C 45 -24.61 -18.70 17.53
N ASP C 46 -23.62 -19.59 17.40
CA ASP C 46 -22.39 -19.46 18.19
C ASP C 46 -21.23 -18.81 17.41
N GLU C 47 -21.26 -18.94 16.09
CA GLU C 47 -20.14 -18.53 15.25
C GLU C 47 -20.34 -17.21 14.51
N ASP C 48 -19.24 -16.60 14.08
CA ASP C 48 -19.27 -15.41 13.26
C ASP C 48 -20.02 -15.69 11.96
N ILE C 49 -20.63 -14.66 11.39
CA ILE C 49 -21.43 -14.83 10.18
C ILE C 49 -20.64 -15.35 8.98
N ASP C 50 -19.31 -15.25 9.03
CA ASP C 50 -18.47 -15.68 7.93
C ASP C 50 -17.70 -16.96 8.23
N TRP C 51 -18.18 -17.72 9.21
CA TRP C 51 -17.49 -18.93 9.67
C TRP C 51 -17.30 -19.96 8.55
N VAL C 52 -18.38 -20.27 7.83
CA VAL C 52 -18.33 -21.25 6.74
C VAL C 52 -17.29 -20.89 5.67
N GLN C 53 -17.25 -19.61 5.29
CA GLN C 53 -16.33 -19.15 4.27
C GLN C 53 -14.89 -19.26 4.73
N THR C 54 -14.65 -18.91 5.99
CA THR C 54 -13.32 -18.98 6.57
C THR C 54 -12.79 -20.40 6.63
N GLU C 55 -13.69 -21.34 6.93
CA GLU C 55 -13.33 -22.76 7.01
C GLU C 55 -12.84 -23.28 5.66
N LYS C 56 -13.64 -23.07 4.63
CA LYS C 56 -13.28 -23.50 3.28
C LYS C 56 -11.96 -22.88 2.83
N HIS C 57 -11.78 -21.60 3.16
CA HIS C 57 -10.57 -20.88 2.78
C HIS C 57 -9.33 -21.44 3.47
N VAL C 58 -9.47 -21.81 4.73
CA VAL C 58 -8.34 -22.35 5.48
C VAL C 58 -7.97 -23.74 5.00
N PHE C 59 -8.97 -24.55 4.69
CA PHE C 59 -8.74 -25.88 4.15
C PHE C 59 -8.01 -25.80 2.81
N GLU C 60 -8.29 -24.75 2.04
CA GLU C 60 -7.61 -24.51 0.78
C GLU C 60 -6.12 -24.27 1.02
N GLN C 61 -5.82 -23.34 1.92
CA GLN C 61 -4.45 -22.96 2.23
C GLN C 61 -3.68 -24.12 2.83
N ALA C 62 -4.41 -25.07 3.42
CA ALA C 62 -3.79 -26.19 4.12
C ALA C 62 -3.32 -27.27 3.16
N SER C 63 -3.88 -27.28 1.95
CA SER C 63 -3.52 -28.29 0.96
C SER C 63 -2.13 -28.06 0.41
N ASN C 64 -1.66 -26.82 0.47
CA ASN C 64 -0.33 -26.48 -0.04
C ASN C 64 0.69 -26.38 1.09
N HIS C 65 0.52 -27.23 2.10
CA HIS C 65 1.46 -27.26 3.23
C HIS C 65 1.44 -28.62 3.91
N PRO C 66 2.64 -29.13 4.25
CA PRO C 66 2.84 -30.48 4.78
C PRO C 66 2.30 -30.66 6.20
N PHE C 67 2.31 -29.58 6.97
CA PHE C 67 1.99 -29.64 8.40
C PHE C 67 0.59 -29.11 8.71
N LEU C 68 -0.32 -29.27 7.74
CA LEU C 68 -1.72 -28.89 7.93
C LEU C 68 -2.63 -29.92 7.27
N VAL C 69 -3.61 -30.40 8.02
CA VAL C 69 -4.57 -31.38 7.50
C VAL C 69 -5.35 -30.79 6.34
N GLY C 70 -5.54 -31.59 5.29
CA GLY C 70 -6.25 -31.13 4.11
C GLY C 70 -7.69 -31.60 4.07
N LEU C 71 -8.49 -30.96 3.24
CA LEU C 71 -9.90 -31.28 3.12
C LEU C 71 -10.12 -32.16 1.90
N HIS C 72 -10.73 -33.33 2.12
CA HIS C 72 -11.03 -34.26 1.04
C HIS C 72 -12.29 -33.82 0.30
N SER C 73 -13.34 -33.58 1.07
CA SER C 73 -14.61 -33.13 0.52
C SER C 73 -15.48 -32.60 1.64
N CYS C 74 -16.60 -31.99 1.28
CA CYS C 74 -17.56 -31.58 2.30
C CYS C 74 -18.96 -31.52 1.71
N PHE C 75 -19.93 -31.90 2.52
CA PHE C 75 -21.33 -31.88 2.09
C PHE C 75 -22.19 -31.51 3.30
N GLN C 76 -23.50 -31.46 3.09
CA GLN C 76 -24.40 -31.04 4.15
C GLN C 76 -25.70 -31.82 4.14
N THR C 77 -26.16 -32.22 5.32
CA THR C 77 -27.52 -32.68 5.46
C THR C 77 -28.34 -31.44 5.79
N GLU C 78 -29.62 -31.62 6.08
CA GLU C 78 -30.47 -30.46 6.34
C GLU C 78 -30.08 -29.73 7.62
N SER C 79 -29.48 -30.45 8.57
CA SER C 79 -29.20 -29.88 9.88
C SER C 79 -27.71 -29.79 10.19
N ARG C 80 -26.90 -30.56 9.47
CA ARG C 80 -25.47 -30.62 9.77
C ARG C 80 -24.58 -30.36 8.55
N LEU C 81 -23.34 -30.00 8.82
CA LEU C 81 -22.32 -29.87 7.78
C LEU C 81 -21.27 -30.95 7.99
N PHE C 82 -20.74 -31.49 6.90
CA PHE C 82 -19.79 -32.61 6.99
C PHE C 82 -18.47 -32.30 6.29
N PHE C 83 -17.39 -32.37 7.04
CA PHE C 83 -16.05 -32.09 6.54
C PHE C 83 -15.19 -33.35 6.43
N VAL C 84 -14.96 -33.80 5.20
CA VAL C 84 -14.13 -34.97 4.97
C VAL C 84 -12.65 -34.58 4.81
N ILE C 85 -11.82 -35.02 5.76
CA ILE C 85 -10.46 -34.53 5.84
C ILE C 85 -9.42 -35.66 5.82
N GLU C 86 -8.29 -35.37 5.18
CA GLU C 86 -7.14 -36.26 5.21
C GLU C 86 -6.99 -36.84 6.61
N TYR C 87 -6.90 -38.16 6.70
CA TYR C 87 -6.78 -38.83 8.00
C TYR C 87 -5.34 -38.99 8.45
N VAL C 88 -5.09 -38.66 9.71
CA VAL C 88 -3.77 -38.81 10.32
C VAL C 88 -3.87 -39.84 11.44
N ASN C 89 -2.98 -40.83 11.41
CA ASN C 89 -3.13 -42.00 12.27
C ASN C 89 -2.05 -42.22 13.33
N GLY C 90 -1.32 -41.16 13.68
CA GLY C 90 -0.30 -41.29 14.71
C GLY C 90 -0.77 -40.78 16.05
N GLY C 91 -2.02 -40.33 16.13
CA GLY C 91 -2.55 -39.75 17.34
C GLY C 91 -2.18 -38.28 17.43
N ASP C 92 -2.02 -37.78 18.65
CA ASP C 92 -1.62 -36.39 18.86
C ASP C 92 -0.60 -36.25 19.98
N LEU C 93 -0.05 -35.05 20.13
CA LEU C 93 0.97 -34.79 21.14
C LEU C 93 0.47 -35.02 22.57
N MET C 94 -0.82 -34.82 22.80
CA MET C 94 -1.38 -35.03 24.13
C MET C 94 -1.22 -36.48 24.55
N PHE C 95 -1.65 -37.40 23.70
CA PHE C 95 -1.51 -38.83 23.98
C PHE C 95 -0.04 -39.18 24.20
N HIS C 96 0.83 -38.54 23.41
CA HIS C 96 2.26 -38.78 23.50
C HIS C 96 2.81 -38.34 24.85
N MET C 97 2.45 -37.13 25.26
CA MET C 97 2.90 -36.60 26.55
C MET C 97 2.36 -37.43 27.72
N GLN C 98 1.22 -38.08 27.51
CA GLN C 98 0.62 -38.90 28.54
C GLN C 98 1.46 -40.12 28.88
N ARG C 99 2.05 -40.72 27.85
CA ARG C 99 2.88 -41.91 28.05
C ARG C 99 4.34 -41.56 28.28
N GLN C 100 4.80 -40.50 27.60
CA GLN C 100 6.18 -40.06 27.73
C GLN C 100 6.32 -39.18 28.97
N ARG C 101 5.27 -38.40 29.24
CA ARG C 101 5.23 -37.49 30.37
C ARG C 101 6.15 -36.29 30.19
N LYS C 102 7.35 -36.53 29.68
CA LYS C 102 8.32 -35.45 29.50
C LYS C 102 9.29 -35.75 28.36
N LEU C 103 9.53 -34.75 27.52
CA LEU C 103 10.41 -34.88 26.37
C LEU C 103 11.76 -34.20 26.59
N PRO C 104 12.82 -34.77 25.99
CA PRO C 104 14.14 -34.12 25.96
C PRO C 104 14.10 -32.86 25.08
N GLU C 105 14.94 -31.87 25.39
CA GLU C 105 14.97 -30.62 24.63
C GLU C 105 15.13 -30.85 23.13
N GLU C 106 15.89 -31.87 22.75
CA GLU C 106 16.09 -32.21 21.35
C GLU C 106 14.76 -32.57 20.70
N HIS C 107 13.97 -33.40 21.38
CA HIS C 107 12.66 -33.81 20.89
C HIS C 107 11.69 -32.63 20.82
N ALA C 108 11.68 -31.81 21.88
CA ALA C 108 10.81 -30.65 21.93
C ALA C 108 11.15 -29.65 20.82
N ARG C 109 12.43 -29.55 20.51
CA ARG C 109 12.94 -28.65 19.47
C ARG C 109 12.40 -29.03 18.08
N PHE C 110 12.36 -30.32 17.78
CA PHE C 110 11.79 -30.79 16.53
C PHE C 110 10.33 -30.35 16.34
N TYR C 111 9.47 -30.73 17.29
CA TYR C 111 8.04 -30.45 17.20
C TYR C 111 7.73 -28.96 17.10
N SER C 112 8.31 -28.17 18.00
CA SER C 112 8.09 -26.73 17.98
C SER C 112 8.56 -26.12 16.66
N ALA C 113 9.56 -26.74 16.05
CA ALA C 113 10.05 -26.29 14.75
C ALA C 113 8.99 -26.47 13.66
N GLU C 114 8.50 -27.70 13.51
CA GLU C 114 7.46 -27.97 12.52
C GLU C 114 6.19 -27.14 12.77
N ILE C 115 5.80 -27.00 14.03
CA ILE C 115 4.63 -26.19 14.37
C ILE C 115 4.81 -24.75 13.89
N SER C 116 6.02 -24.22 14.02
CA SER C 116 6.34 -22.86 13.58
C SER C 116 6.15 -22.70 12.06
N LEU C 117 6.52 -23.73 11.30
CA LEU C 117 6.36 -23.70 9.85
C LEU C 117 4.89 -23.63 9.44
N ALA C 118 4.04 -24.35 10.18
CA ALA C 118 2.60 -24.30 9.93
C ALA C 118 2.00 -22.95 10.34
N LEU C 119 2.48 -22.39 11.45
CA LEU C 119 2.00 -21.10 11.93
C LEU C 119 2.42 -19.96 11.00
N ASN C 120 3.71 -19.90 10.69
CA ASN C 120 4.24 -18.86 9.81
C ASN C 120 3.55 -18.90 8.45
N TYR C 121 3.21 -20.10 7.99
CA TYR C 121 2.54 -20.26 6.71
C TYR C 121 1.13 -19.66 6.77
N LEU C 122 0.43 -19.92 7.86
CA LEU C 122 -0.91 -19.36 8.07
C LEU C 122 -0.87 -17.85 8.25
N HIS C 123 0.04 -17.37 9.09
CA HIS C 123 0.17 -15.92 9.29
C HIS C 123 0.41 -15.21 7.98
N GLU C 124 1.36 -15.72 7.19
CA GLU C 124 1.66 -15.15 5.88
C GLU C 124 0.43 -15.12 4.98
N ARG C 125 -0.46 -16.10 5.17
CA ARG C 125 -1.68 -16.19 4.37
C ARG C 125 -2.81 -15.42 5.05
N GLY C 126 -2.44 -14.57 6.00
CA GLY C 126 -3.37 -13.71 6.71
C GLY C 126 -4.33 -14.44 7.63
N ILE C 127 -3.87 -15.52 8.27
CA ILE C 127 -4.72 -16.32 9.14
C ILE C 127 -4.17 -16.45 10.55
N ILE C 128 -5.06 -16.34 11.55
CA ILE C 128 -4.69 -16.63 12.93
C ILE C 128 -5.34 -17.95 13.36
N TYR C 129 -4.52 -18.91 13.75
CA TYR C 129 -5.02 -20.22 14.15
C TYR C 129 -5.91 -20.10 15.40
N ARG C 130 -5.35 -19.52 16.46
CA ARG C 130 -6.09 -19.19 17.69
C ARG C 130 -6.58 -20.40 18.49
N ASP C 131 -5.92 -21.54 18.33
CA ASP C 131 -6.30 -22.72 19.10
C ASP C 131 -5.24 -23.82 19.07
N LEU C 132 -3.98 -23.42 19.17
CA LEU C 132 -2.89 -24.39 19.24
C LEU C 132 -2.84 -25.06 20.61
N LYS C 133 -2.94 -26.39 20.61
CA LYS C 133 -2.82 -27.16 21.84
C LYS C 133 -2.39 -28.59 21.54
N LEU C 134 -1.96 -29.30 22.58
CA LEU C 134 -1.43 -30.66 22.42
C LEU C 134 -2.33 -31.55 21.58
N ASP C 135 -3.62 -31.56 21.87
CA ASP C 135 -4.54 -32.44 21.16
C ASP C 135 -4.95 -31.87 19.80
N ASN C 136 -4.46 -30.67 19.50
CA ASN C 136 -4.63 -30.11 18.16
C ASN C 136 -3.37 -30.32 17.33
N VAL C 137 -2.36 -30.93 17.93
CA VAL C 137 -1.13 -31.26 17.23
C VAL C 137 -1.05 -32.77 16.99
N LEU C 138 -1.46 -33.18 15.80
CA LEU C 138 -1.49 -34.60 15.45
C LEU C 138 -0.13 -35.09 14.95
N LEU C 139 0.05 -36.42 14.95
CA LEU C 139 1.24 -37.06 14.41
C LEU C 139 0.86 -38.05 13.33
N ASP C 140 1.57 -38.01 12.20
CA ASP C 140 1.35 -39.02 11.17
C ASP C 140 2.17 -40.26 11.46
N SER C 141 2.01 -41.30 10.63
CA SER C 141 2.70 -42.56 10.85
C SER C 141 4.22 -42.39 10.89
N GLU C 142 4.73 -41.40 10.16
CA GLU C 142 6.17 -41.17 10.10
C GLU C 142 6.67 -40.47 11.37
N GLY C 143 5.85 -39.57 11.91
CA GLY C 143 6.21 -38.88 13.14
C GLY C 143 6.24 -37.38 13.01
N HIS C 144 5.74 -36.86 11.90
CA HIS C 144 5.68 -35.43 11.69
C HIS C 144 4.34 -34.91 12.20
N ILE C 145 4.30 -33.64 12.60
CA ILE C 145 3.10 -33.06 13.19
C ILE C 145 2.15 -32.52 12.13
N LYS C 146 0.88 -32.39 12.51
CA LYS C 146 -0.12 -31.81 11.61
C LYS C 146 -1.21 -31.12 12.42
N LEU C 147 -1.36 -29.82 12.26
CA LEU C 147 -2.40 -29.07 12.98
C LEU C 147 -3.78 -29.34 12.40
N THR C 148 -4.76 -29.55 13.28
CA THR C 148 -6.12 -29.85 12.87
C THR C 148 -7.12 -28.93 13.56
N ASP C 149 -8.41 -29.14 13.27
CA ASP C 149 -9.47 -28.35 13.88
C ASP C 149 -9.25 -26.85 13.70
N TYR C 150 -9.62 -26.34 12.53
CA TYR C 150 -9.44 -24.92 12.22
C TYR C 150 -10.64 -24.10 12.67
N GLY C 151 -11.45 -24.67 13.56
CA GLY C 151 -12.68 -24.02 13.98
C GLY C 151 -12.52 -22.68 14.66
N MET C 152 -11.30 -22.34 15.05
CA MET C 152 -11.04 -21.10 15.80
C MET C 152 -10.35 -20.05 14.95
N CYS C 153 -9.99 -20.40 13.73
CA CYS C 153 -9.23 -19.52 12.85
C CYS C 153 -9.93 -18.19 12.53
N LYS C 154 -9.12 -17.13 12.47
CA LYS C 154 -9.57 -15.84 11.96
C LYS C 154 -8.87 -15.60 10.63
N GLU C 155 -9.56 -15.02 9.66
CA GLU C 155 -9.04 -14.93 8.31
C GLU C 155 -8.93 -13.50 7.77
N GLY C 156 -8.13 -13.34 6.72
CA GLY C 156 -7.99 -12.07 6.03
C GLY C 156 -7.32 -10.95 6.79
N LEU C 157 -6.31 -11.28 7.59
CA LEU C 157 -5.60 -10.28 8.39
C LEU C 157 -4.45 -9.62 7.61
N ARG C 158 -4.65 -8.36 7.26
CA ARG C 158 -3.63 -7.59 6.54
C ARG C 158 -2.63 -6.99 7.52
N PRO C 159 -1.46 -6.57 7.01
CA PRO C 159 -0.41 -5.98 7.85
C PRO C 159 -0.96 -4.85 8.72
N GLY C 160 -0.80 -4.97 10.03
CA GLY C 160 -1.31 -3.97 10.96
C GLY C 160 -2.73 -4.25 11.41
N ASP C 161 -3.41 -5.13 10.70
CA ASP C 161 -4.78 -5.51 11.04
C ASP C 161 -4.84 -6.21 12.38
N THR C 162 -6.03 -6.25 12.97
CA THR C 162 -6.21 -6.83 14.30
C THR C 162 -7.66 -7.21 14.55
N THR C 163 -7.88 -8.37 15.15
CA THR C 163 -9.23 -8.79 15.55
C THR C 163 -9.37 -8.72 17.06
N SER C 164 -10.58 -8.96 17.58
CA SER C 164 -10.81 -8.75 19.00
C SER C 164 -11.74 -9.75 19.71
N TPO C 165 -11.96 -10.92 19.11
CA TPO C 165 -12.81 -11.92 19.76
CB TPO C 165 -13.28 -12.98 18.76
CG2 TPO C 165 -13.93 -14.15 19.49
OG1 TPO C 165 -14.20 -12.43 17.84
P TPO C 165 -13.47 -12.64 16.42
O1P TPO C 165 -12.01 -12.41 16.60
O2P TPO C 165 -13.72 -14.15 15.93
O3P TPO C 165 -14.05 -11.59 15.34
C TPO C 165 -12.11 -12.60 20.93
O TPO C 165 -10.90 -12.81 20.91
N PHE C 166 -12.87 -12.93 21.96
CA PHE C 166 -12.36 -13.72 23.08
C PHE C 166 -12.62 -15.19 22.81
N CYS C 167 -11.55 -15.93 22.51
CA CYS C 167 -11.70 -17.35 22.21
C CYS C 167 -10.44 -18.14 22.54
N GLY C 168 -10.50 -19.45 22.31
CA GLY C 168 -9.38 -20.32 22.55
C GLY C 168 -9.66 -21.34 23.64
N THR C 169 -8.61 -22.05 24.04
CA THR C 169 -8.68 -22.99 25.16
C THR C 169 -7.96 -22.36 26.34
N PRO C 170 -8.71 -22.07 27.42
CA PRO C 170 -8.29 -21.26 28.57
C PRO C 170 -6.79 -21.31 28.88
N ASN C 171 -6.26 -22.51 29.12
CA ASN C 171 -4.85 -22.69 29.44
C ASN C 171 -3.89 -21.99 28.47
N TYR C 172 -4.33 -21.77 27.24
CA TYR C 172 -3.45 -21.21 26.19
C TYR C 172 -3.79 -19.77 25.81
N ILE C 173 -4.85 -19.23 26.39
CA ILE C 173 -5.29 -17.88 26.04
C ILE C 173 -4.24 -16.82 26.43
N ALA C 174 -3.92 -15.94 25.48
CA ALA C 174 -2.87 -14.95 25.67
C ALA C 174 -3.28 -13.81 26.60
N PRO C 175 -2.30 -13.17 27.24
CA PRO C 175 -2.55 -12.08 28.19
C PRO C 175 -3.30 -10.93 27.54
N GLU C 176 -3.01 -10.66 26.27
CA GLU C 176 -3.67 -9.57 25.55
C GLU C 176 -5.16 -9.88 25.33
N ILE C 177 -5.49 -11.16 25.25
CA ILE C 177 -6.89 -11.54 25.17
C ILE C 177 -7.55 -11.33 26.52
N LEU C 178 -6.83 -11.68 27.58
CA LEU C 178 -7.34 -11.49 28.94
C LEU C 178 -7.53 -10.02 29.29
N ARG C 179 -6.73 -9.14 28.69
CA ARG C 179 -6.84 -7.71 28.93
C ARG C 179 -7.91 -7.06 28.05
N GLY C 180 -8.42 -7.81 27.09
CA GLY C 180 -9.45 -7.32 26.19
C GLY C 180 -8.92 -6.38 25.14
N GLU C 181 -7.64 -6.55 24.80
CA GLU C 181 -7.00 -5.72 23.79
C GLU C 181 -7.12 -6.33 22.40
N ASP C 182 -7.11 -5.49 21.38
CA ASP C 182 -7.04 -5.95 19.99
C ASP C 182 -5.73 -6.71 19.80
N TYR C 183 -5.79 -7.84 19.11
CA TYR C 183 -4.61 -8.69 18.94
C TYR C 183 -4.43 -9.19 17.51
N GLY C 184 -3.26 -9.76 17.25
CA GLY C 184 -2.95 -10.35 15.96
C GLY C 184 -2.34 -11.73 16.12
N PHE C 185 -1.28 -12.02 15.37
CA PHE C 185 -0.66 -13.34 15.39
C PHE C 185 0.03 -13.66 16.71
N SER C 186 0.31 -12.64 17.51
CA SER C 186 1.01 -12.82 18.78
C SER C 186 0.39 -13.93 19.64
N VAL C 187 -0.92 -14.07 19.57
CA VAL C 187 -1.62 -15.06 20.37
C VAL C 187 -1.15 -16.49 20.07
N ASP C 188 -0.91 -16.76 18.79
CA ASP C 188 -0.44 -18.09 18.37
C ASP C 188 0.94 -18.42 18.95
N TRP C 189 1.82 -17.42 18.97
CA TRP C 189 3.17 -17.62 19.48
C TRP C 189 3.20 -17.82 20.99
N TRP C 190 2.31 -17.13 21.69
CA TRP C 190 2.15 -17.34 23.12
C TRP C 190 1.72 -18.78 23.40
N ALA C 191 0.76 -19.27 22.62
CA ALA C 191 0.28 -20.64 22.78
C ALA C 191 1.43 -21.64 22.61
N LEU C 192 2.30 -21.39 21.64
CA LEU C 192 3.43 -22.28 21.38
C LEU C 192 4.40 -22.33 22.56
N GLY C 193 4.59 -21.19 23.22
CA GLY C 193 5.42 -21.15 24.41
C GLY C 193 4.86 -22.02 25.51
N VAL C 194 3.54 -21.92 25.74
CA VAL C 194 2.89 -22.73 26.77
C VAL C 194 3.01 -24.21 26.43
N LEU C 195 2.86 -24.53 25.15
CA LEU C 195 2.93 -25.92 24.68
C LEU C 195 4.34 -26.49 24.84
N MET C 196 5.34 -25.70 24.45
CA MET C 196 6.74 -26.13 24.57
C MET C 196 7.09 -26.40 26.03
N PHE C 197 6.56 -25.57 26.94
CA PHE C 197 6.80 -25.73 28.36
C PHE C 197 6.30 -27.10 28.80
N GLU C 198 5.07 -27.44 28.42
CA GLU C 198 4.47 -28.71 28.75
C GLU C 198 5.34 -29.86 28.23
N MET C 199 5.82 -29.72 26.99
CA MET C 199 6.69 -30.72 26.38
C MET C 199 7.95 -30.96 27.19
N MET C 200 8.62 -29.87 27.56
CA MET C 200 9.93 -29.97 28.20
C MET C 200 9.87 -29.99 29.74
N ALA C 201 8.77 -29.49 30.30
CA ALA C 201 8.63 -29.41 31.75
C ALA C 201 7.73 -30.50 32.29
N GLY C 202 6.88 -31.06 31.44
CA GLY C 202 6.00 -32.13 31.84
C GLY C 202 4.75 -31.65 32.55
N ARG C 203 4.55 -30.34 32.58
CA ARG C 203 3.40 -29.74 33.24
C ARG C 203 3.07 -28.39 32.62
N SER C 204 1.87 -27.90 32.88
CA SER C 204 1.50 -26.56 32.44
C SER C 204 2.17 -25.51 33.32
N PRO C 205 2.52 -24.36 32.71
CA PRO C 205 3.10 -23.25 33.46
C PRO C 205 2.08 -22.68 34.45
N PHE C 206 0.84 -23.11 34.31
CA PHE C 206 -0.25 -22.62 35.14
C PHE C 206 -0.92 -23.77 35.90
N ASP C 207 -0.15 -24.82 36.12
CA ASP C 207 -0.62 -25.98 36.88
C ASP C 207 -0.74 -25.66 38.38
N ILE C 208 -1.54 -26.44 39.08
CA ILE C 208 -1.86 -26.17 40.47
C ILE C 208 -1.28 -27.21 41.43
N VAL C 209 -0.99 -26.76 42.65
CA VAL C 209 -0.45 -27.63 43.71
C VAL C 209 0.64 -28.56 43.19
N ASN C 218 -14.82 -19.49 38.62
CA ASN C 218 -14.01 -19.56 39.83
C ASN C 218 -12.64 -20.19 39.56
N THR C 219 -12.61 -21.51 39.42
CA THR C 219 -11.35 -22.23 39.22
C THR C 219 -10.67 -21.86 37.90
N GLU C 220 -11.46 -21.53 36.88
CA GLU C 220 -10.91 -21.09 35.61
C GLU C 220 -10.74 -19.58 35.63
N ASP C 221 -11.55 -18.93 36.45
CA ASP C 221 -11.46 -17.50 36.67
C ASP C 221 -10.15 -17.22 37.40
N TYR C 222 -9.75 -18.17 38.25
CA TYR C 222 -8.48 -18.10 38.97
C TYR C 222 -7.32 -18.32 38.01
N LEU C 223 -7.50 -19.24 37.06
CA LEU C 223 -6.51 -19.50 36.03
C LEU C 223 -6.15 -18.22 35.27
N PHE C 224 -7.17 -17.44 34.91
CA PHE C 224 -6.91 -16.19 34.20
C PHE C 224 -6.11 -15.23 35.08
N GLN C 225 -6.29 -15.35 36.39
CA GLN C 225 -5.56 -14.53 37.34
C GLN C 225 -4.09 -14.94 37.36
N VAL C 226 -3.86 -16.24 37.38
CA VAL C 226 -2.51 -16.81 37.33
C VAL C 226 -1.77 -16.36 36.07
N ILE C 227 -2.42 -16.50 34.93
CA ILE C 227 -1.81 -16.14 33.65
C ILE C 227 -1.41 -14.67 33.60
N LEU C 228 -2.24 -13.81 34.19
CA LEU C 228 -2.03 -12.37 34.11
C LEU C 228 -1.05 -11.80 35.14
N GLU C 229 -0.97 -12.44 36.32
CA GLU C 229 -0.23 -11.84 37.43
C GLU C 229 0.98 -12.65 37.94
N LYS C 230 0.83 -13.97 38.04
CA LYS C 230 1.87 -14.81 38.60
C LYS C 230 3.10 -14.91 37.69
N GLN C 231 4.28 -14.68 38.27
CA GLN C 231 5.55 -14.74 37.54
C GLN C 231 5.84 -16.15 37.04
N ILE C 232 6.17 -16.25 35.75
CA ILE C 232 6.50 -17.54 35.15
C ILE C 232 7.97 -17.89 35.37
N ARG C 233 8.22 -19.05 35.98
CA ARG C 233 9.56 -19.50 36.27
C ARG C 233 9.87 -20.84 35.59
N ILE C 234 10.97 -20.88 34.86
CA ILE C 234 11.39 -22.09 34.16
C ILE C 234 12.16 -23.00 35.12
N PRO C 235 11.86 -24.31 35.06
CA PRO C 235 12.52 -25.31 35.90
C PRO C 235 14.04 -25.35 35.67
N ARG C 236 14.79 -25.56 36.74
CA ARG C 236 16.25 -25.48 36.72
C ARG C 236 16.90 -26.54 35.83
N SER C 237 16.14 -27.58 35.50
CA SER C 237 16.68 -28.72 34.75
C SER C 237 16.80 -28.43 33.25
N LEU C 238 16.16 -27.37 32.79
CA LEU C 238 16.22 -26.97 31.39
C LEU C 238 17.48 -26.18 31.10
N SER C 239 17.95 -26.24 29.85
CA SER C 239 19.17 -25.56 29.46
C SER C 239 19.01 -24.04 29.45
N VAL C 240 20.12 -23.32 29.42
CA VAL C 240 20.09 -21.87 29.35
C VAL C 240 19.42 -21.44 28.04
N LYS C 241 19.62 -22.22 26.99
CA LYS C 241 18.95 -22.01 25.72
C LYS C 241 17.44 -22.18 25.85
N ALA C 242 17.02 -23.26 26.50
CA ALA C 242 15.61 -23.57 26.65
C ALA C 242 14.87 -22.53 27.49
N ALA C 243 15.49 -22.13 28.59
CA ALA C 243 14.91 -21.12 29.44
C ALA C 243 14.58 -19.86 28.64
N SER C 244 15.46 -19.51 27.70
CA SER C 244 15.34 -18.28 26.92
C SER C 244 14.14 -18.27 25.97
N VAL C 245 14.02 -19.31 25.14
CA VAL C 245 12.88 -19.42 24.22
C VAL C 245 11.56 -19.46 24.97
N LEU C 246 11.50 -20.29 26.01
CA LEU C 246 10.31 -20.41 26.83
C LEU C 246 9.91 -19.04 27.37
N LYS C 247 10.88 -18.39 28.02
CA LYS C 247 10.64 -17.12 28.69
C LYS C 247 10.29 -16.01 27.70
N SER C 248 10.74 -16.18 26.46
CA SER C 248 10.56 -15.18 25.40
C SER C 248 9.20 -15.25 24.70
N PHE C 249 8.75 -16.48 24.42
CA PHE C 249 7.41 -16.71 23.86
C PHE C 249 6.35 -16.45 24.93
N LEU C 250 6.74 -16.61 26.19
CA LEU C 250 5.83 -16.46 27.33
C LEU C 250 5.94 -15.06 27.94
N ASN C 251 6.26 -14.09 27.10
CA ASN C 251 6.33 -12.69 27.50
C ASN C 251 4.94 -12.05 27.42
N LYS C 252 4.46 -11.53 28.56
CA LYS C 252 3.10 -11.00 28.65
C LYS C 252 2.87 -9.80 27.72
N ASP C 253 3.95 -9.24 27.20
CA ASP C 253 3.87 -8.14 26.24
C ASP C 253 3.94 -8.65 24.81
N PRO C 254 2.82 -8.60 24.08
CA PRO C 254 2.77 -9.04 22.68
C PRO C 254 3.84 -8.37 21.80
N LYS C 255 4.09 -7.10 22.04
CA LYS C 255 5.04 -6.33 21.23
C LYS C 255 6.46 -6.86 21.34
N GLU C 256 6.84 -7.29 22.53
CA GLU C 256 8.21 -7.71 22.84
C GLU C 256 8.39 -9.22 22.80
N ARG C 257 7.28 -9.92 22.61
CA ARG C 257 7.28 -11.38 22.59
C ARG C 257 8.01 -11.92 21.36
N LEU C 258 8.70 -13.04 21.56
CA LEU C 258 9.42 -13.69 20.47
C LEU C 258 8.48 -14.03 19.33
N GLY C 259 8.95 -13.81 18.10
CA GLY C 259 8.18 -14.13 16.91
C GLY C 259 7.14 -13.08 16.56
N CYS C 260 7.00 -12.06 17.40
CA CYS C 260 5.93 -11.09 17.25
C CYS C 260 6.34 -9.77 16.62
N HIS C 261 7.62 -9.58 16.33
CA HIS C 261 8.04 -8.35 15.65
C HIS C 261 7.45 -8.28 14.25
N PRO C 262 6.69 -7.21 13.97
CA PRO C 262 5.96 -7.10 12.69
C PRO C 262 6.85 -7.41 11.50
N GLN C 263 8.13 -7.07 11.58
CA GLN C 263 9.05 -7.22 10.45
C GLN C 263 9.87 -8.50 10.51
N THR C 264 10.63 -8.69 11.60
CA THR C 264 11.57 -9.80 11.68
C THR C 264 11.04 -10.95 12.54
N GLY C 265 9.73 -10.95 12.79
CA GLY C 265 9.10 -11.92 13.66
C GLY C 265 9.58 -13.36 13.54
N PHE C 266 9.35 -13.95 12.37
CA PHE C 266 9.68 -15.35 12.15
C PHE C 266 11.18 -15.64 12.05
N ALA C 267 11.96 -14.63 11.65
CA ALA C 267 13.42 -14.78 11.55
C ALA C 267 14.06 -14.82 12.95
N ASP C 268 13.48 -14.06 13.87
CA ASP C 268 13.98 -14.02 15.24
C ASP C 268 13.87 -15.40 15.91
N ILE C 269 12.80 -16.13 15.57
CA ILE C 269 12.62 -17.48 16.05
C ILE C 269 13.75 -18.35 15.50
N GLN C 270 13.83 -18.38 14.17
CA GLN C 270 14.86 -19.15 13.47
C GLN C 270 16.23 -18.77 13.98
N GLY C 271 16.37 -17.52 14.40
CA GLY C 271 17.66 -17.01 14.86
C GLY C 271 17.96 -17.32 16.31
N HIS C 272 16.91 -17.58 17.09
CA HIS C 272 17.10 -17.84 18.51
C HIS C 272 18.00 -19.04 18.73
N PRO C 273 18.94 -18.94 19.69
CA PRO C 273 19.92 -19.98 19.97
C PRO C 273 19.33 -21.38 20.14
N PHE C 274 18.15 -21.48 20.74
CA PHE C 274 17.51 -22.79 20.94
C PHE C 274 17.34 -23.51 19.60
N PHE C 275 17.00 -22.75 18.56
CA PHE C 275 16.80 -23.32 17.23
C PHE C 275 18.06 -23.28 16.37
N ARG C 276 19.20 -23.05 17.00
CA ARG C 276 20.47 -23.12 16.28
C ARG C 276 20.71 -24.55 15.82
N ASN C 277 21.36 -24.69 14.66
CA ASN C 277 21.64 -26.00 14.08
C ASN C 277 20.38 -26.73 13.61
N VAL C 278 19.29 -25.99 13.45
CA VAL C 278 18.06 -26.55 12.89
C VAL C 278 18.02 -26.24 11.41
N ASP C 279 18.02 -27.29 10.58
CA ASP C 279 17.97 -27.09 9.14
C ASP C 279 16.53 -26.82 8.73
N TRP C 280 16.17 -25.53 8.71
CA TRP C 280 14.80 -25.11 8.44
C TRP C 280 14.31 -25.59 7.08
N ASP C 281 15.20 -25.53 6.09
CA ASP C 281 14.86 -25.96 4.73
C ASP C 281 14.48 -27.43 4.64
N MET C 282 15.35 -28.30 5.14
CA MET C 282 15.07 -29.74 5.16
C MET C 282 13.86 -30.04 6.04
N MET C 283 13.70 -29.26 7.10
CA MET C 283 12.55 -29.40 8.00
C MET C 283 11.24 -29.27 7.21
N GLU C 284 11.25 -28.40 6.20
CA GLU C 284 10.05 -28.12 5.41
C GLU C 284 9.75 -29.20 4.37
N GLN C 285 10.78 -29.94 3.95
CA GLN C 285 10.59 -31.06 3.03
C GLN C 285 10.48 -32.37 3.79
N LYS C 286 10.31 -32.27 5.11
CA LYS C 286 10.20 -33.45 5.95
C LYS C 286 11.46 -34.29 5.83
N GLN C 287 12.56 -33.64 5.43
CA GLN C 287 13.84 -34.31 5.25
C GLN C 287 14.63 -34.34 6.56
N VAL C 288 13.99 -33.91 7.63
CA VAL C 288 14.55 -34.06 8.97
C VAL C 288 13.78 -35.17 9.68
N VAL C 289 14.51 -36.13 10.22
CA VAL C 289 13.89 -37.34 10.76
C VAL C 289 13.33 -37.15 12.18
N PRO C 290 12.05 -37.53 12.38
CA PRO C 290 11.37 -37.42 13.67
C PRO C 290 12.04 -38.29 14.74
N PRO C 291 12.07 -37.78 15.99
CA PRO C 291 12.69 -38.48 17.13
C PRO C 291 11.78 -39.55 17.70
N PHE C 292 10.68 -39.84 17.02
CA PHE C 292 9.70 -40.81 17.50
C PHE C 292 8.75 -41.26 16.39
N LYS C 293 8.63 -42.57 16.20
CA LYS C 293 7.73 -43.11 15.18
C LYS C 293 6.51 -43.79 15.80
N PRO C 294 5.34 -43.16 15.67
CA PRO C 294 4.09 -43.63 16.29
C PRO C 294 3.77 -45.08 15.93
N ASN C 295 3.04 -45.75 16.83
CA ASN C 295 2.55 -47.11 16.58
C ASN C 295 3.68 -48.12 16.58
N GLN C 315 -25.60 -43.96 14.49
CA GLN C 315 -24.64 -43.54 15.50
C GLN C 315 -24.76 -42.04 15.76
N LEU C 316 -25.10 -41.28 14.72
CA LEU C 316 -25.24 -39.83 14.84
C LEU C 316 -26.52 -39.44 15.54
N TPO C 317 -26.45 -38.42 16.38
CA TPO C 317 -27.60 -37.95 17.15
CB TPO C 317 -27.18 -36.81 18.09
CG2 TPO C 317 -28.36 -35.87 18.34
OG1 TPO C 317 -26.71 -37.36 19.33
P TPO C 317 -25.22 -36.83 19.58
O1P TPO C 317 -25.18 -35.36 19.39
O2P TPO C 317 -24.20 -37.53 18.56
O3P TPO C 317 -24.78 -37.17 21.09
C TPO C 317 -28.75 -37.51 16.24
O TPO C 317 -28.55 -36.78 15.28
N PRO C 318 -29.98 -37.96 16.57
CA PRO C 318 -31.19 -37.62 15.82
C PRO C 318 -31.50 -36.12 15.87
N ASP C 319 -31.96 -35.57 14.75
CA ASP C 319 -32.29 -34.15 14.66
C ASP C 319 -33.45 -33.76 15.57
N ASP C 320 -33.49 -32.47 15.92
CA ASP C 320 -34.63 -31.90 16.63
C ASP C 320 -35.55 -31.25 15.60
N ASP C 321 -36.59 -31.98 15.21
CA ASP C 321 -37.45 -31.56 14.11
C ASP C 321 -37.95 -30.11 14.24
N ASP C 322 -38.21 -29.68 15.47
CA ASP C 322 -38.63 -28.31 15.71
C ASP C 322 -37.47 -27.33 15.56
N ILE C 323 -36.25 -27.82 15.74
CA ILE C 323 -35.07 -26.98 15.54
C ILE C 323 -34.77 -26.86 14.05
N VAL C 324 -34.59 -28.00 13.40
CA VAL C 324 -34.27 -28.03 11.98
C VAL C 324 -35.29 -27.23 11.17
N ARG C 325 -36.56 -27.37 11.54
CA ARG C 325 -37.67 -26.72 10.88
C ARG C 325 -37.47 -25.21 10.74
N LYS C 326 -36.76 -24.61 11.70
CA LYS C 326 -36.57 -23.16 11.74
C LYS C 326 -35.12 -22.71 11.48
N ILE C 327 -34.27 -23.65 11.07
CA ILE C 327 -32.87 -23.32 10.79
C ILE C 327 -32.75 -22.30 9.65
N ASP C 328 -31.75 -21.43 9.74
CA ASP C 328 -31.47 -20.46 8.69
C ASP C 328 -30.42 -21.04 7.74
N GLN C 329 -30.87 -21.48 6.56
CA GLN C 329 -30.00 -22.17 5.63
C GLN C 329 -29.15 -21.21 4.79
N SER C 330 -29.33 -19.92 5.03
CA SER C 330 -28.60 -18.89 4.27
C SER C 330 -27.10 -19.18 4.09
N GLU C 331 -26.40 -19.36 5.20
CA GLU C 331 -24.94 -19.49 5.18
C GLU C 331 -24.42 -20.77 4.51
N PHE C 332 -25.31 -21.72 4.27
CA PHE C 332 -24.90 -23.02 3.77
C PHE C 332 -25.11 -23.15 2.26
N GLU C 333 -25.56 -22.06 1.64
CA GLU C 333 -25.80 -22.03 0.20
C GLU C 333 -24.53 -22.37 -0.59
N GLY C 334 -24.60 -23.41 -1.41
CA GLY C 334 -23.46 -23.82 -2.23
C GLY C 334 -22.29 -24.34 -1.41
N PHE C 335 -22.60 -25.17 -0.41
CA PHE C 335 -21.56 -25.67 0.49
C PHE C 335 -20.80 -26.86 -0.08
N GLU C 336 -21.47 -27.67 -0.91
CA GLU C 336 -20.86 -28.86 -1.47
C GLU C 336 -19.51 -28.57 -2.15
N TYR C 337 -18.60 -29.54 -2.10
CA TYR C 337 -17.28 -29.35 -2.67
C TYR C 337 -16.44 -30.64 -2.64
N ILE C 338 -15.50 -30.75 -3.58
CA ILE C 338 -14.54 -31.83 -3.57
C ILE C 338 -13.15 -31.34 -3.95
N ASN C 339 -12.14 -31.81 -3.23
CA ASN C 339 -10.75 -31.44 -3.48
C ASN C 339 -10.10 -32.32 -4.54
N PRO C 340 -9.65 -31.70 -5.65
CA PRO C 340 -9.02 -32.46 -6.73
C PRO C 340 -7.78 -33.20 -6.23
N LEU C 341 -7.21 -32.73 -5.13
CA LEU C 341 -6.08 -33.40 -4.50
C LEU C 341 -4.92 -33.58 -5.48
I IOD D . 33.67 -2.80 -10.65
I IOD E . 3.93 21.82 14.90
I IOD F . 27.91 7.01 -0.59
I IOD G . 19.47 3.93 1.87
CL CL H . 30.18 28.75 20.77
C C58 I . 17.34 12.91 -2.96
N C58 I . 18.39 13.50 -2.13
S C58 I . 20.09 7.08 -0.72
C1 C58 I . 17.98 12.04 -4.08
N1 C58 I . 18.95 11.09 -3.54
C2 C58 I . 18.56 10.02 -2.86
N2 C58 I . 17.24 9.79 -2.71
C3 C58 I . 16.82 8.75 -1.99
N3 C58 I . 17.60 7.88 -1.33
C4 C58 I . 18.90 8.12 -1.48
N4 C58 I . 12.61 7.92 -2.04
C5 C58 I . 19.49 9.13 -2.22
C6 C58 I . 20.95 9.05 -2.20
C7 C58 I . 21.38 8.02 -1.43
C8 C58 I . 22.81 7.66 -1.17
C9 C58 I . 23.72 8.37 -2.14
C10 C58 I . 23.30 9.80 -2.35
C11 C58 I . 21.90 9.93 -2.92
C12 C58 I . 15.35 8.47 -1.99
C13 C58 I . 14.82 7.39 -1.29
C14 C58 I . 13.47 7.16 -1.34
C15 C58 I . 13.12 8.95 -2.70
C16 C58 I . 14.48 9.26 -2.71
C17 C58 I . 16.44 13.97 -3.63
C18 C58 I . 15.30 13.33 -4.40
C19 C58 I . 15.48 12.94 -5.71
C20 C58 I . 14.45 12.35 -6.42
C21 C58 I . 13.22 12.16 -5.82
C22 C58 I . 13.03 12.54 -4.51
C23 C58 I . 14.07 13.13 -3.80
H C58 I . 16.72 12.28 -2.31
HN C58 I . 18.04 14.24 -1.53
HNA C58 I . 19.17 13.87 -2.67
H1 C58 I . 18.48 12.70 -4.80
H1A C58 I . 17.22 11.52 -4.66
HN1 C58 I . 19.94 11.27 -3.71
H8 C58 I . 22.93 6.58 -1.22
H8A C58 I . 23.05 7.93 -0.14
H9 C58 I . 23.72 7.84 -3.10
H9A C58 I . 24.75 8.32 -1.80
H10 C58 I . 23.35 10.35 -1.41
H10A C58 I . 24.02 10.31 -2.99
H11 C58 I . 21.91 9.70 -3.99
H11A C58 I . 21.55 10.96 -2.85
H13 C58 I . 15.45 6.74 -0.69
H14 C58 I . 13.01 6.33 -0.80
H15 C58 I . 12.41 9.55 -3.26
H16 C58 I . 14.82 10.12 -3.29
H17 C58 I . 17.02 14.59 -4.32
H17A C58 I . 16.05 14.67 -2.88
H19 C58 I . 16.44 13.08 -6.20
H20 C58 I . 14.60 12.05 -7.45
H21 C58 I . 12.41 11.70 -6.37
H22 C58 I . 12.07 12.39 -4.03
H23 C58 I . 13.90 13.44 -2.77
C1 EDO J . 26.28 11.25 24.29
O1 EDO J . 26.50 10.16 23.37
C2 EDO J . 27.63 11.76 24.80
O2 EDO J . 27.43 12.90 25.63
H11 EDO J . 25.67 10.91 25.13
H12 EDO J . 25.76 12.05 23.77
HO1 EDO J . 25.65 9.84 23.04
H21 EDO J . 28.26 12.03 23.96
H22 EDO J . 28.12 10.97 25.36
HO2 EDO J . 28.29 13.22 25.96
C1 EDO K . 20.88 26.77 3.82
O1 EDO K . 22.00 26.25 3.09
C2 EDO K . 19.71 26.98 2.86
O2 EDO K . 18.55 27.37 3.60
H11 EDO K . 21.15 27.72 4.28
H12 EDO K . 20.59 26.08 4.61
HO1 EDO K . 22.74 26.11 3.70
H21 EDO K . 19.96 27.76 2.14
H22 EDO K . 19.52 26.07 2.31
HO2 EDO K . 17.81 27.51 2.99
C1 EDO L . 12.26 -15.35 -8.65
O1 EDO L . 12.87 -15.73 -9.89
C2 EDO L . 11.66 -13.96 -8.78
O2 EDO L . 11.06 -13.57 -7.53
H11 EDO L . 13.01 -15.36 -7.85
H12 EDO L . 11.49 -16.07 -8.39
HO1 EDO L . 13.25 -16.62 -9.81
H21 EDO L . 12.43 -13.25 -9.05
H22 EDO L . 10.90 -13.95 -9.56
HO2 EDO L . 10.68 -12.69 -7.62
I IOD M . -3.16 35.41 -34.11
I IOD N . -17.86 -1.22 -9.96
I IOD O . -9.64 22.14 -30.42
I IOD P . -11.83 22.48 -21.30
CL CL Q . -25.35 -3.14 -36.60
C C58 R . -4.67 15.05 -21.79
N C58 R . -5.58 14.51 -22.80
S C58 R . -8.54 20.44 -22.78
C1 C58 R . -3.83 16.20 -22.41
N1 C58 R . -4.69 17.20 -23.02
C2 C58 R . -5.58 17.90 -22.29
N2 C58 R . -5.59 17.73 -20.96
C3 C58 R . -6.47 18.40 -20.22
N3 C58 R . -7.44 19.21 -20.67
C4 C58 R . -7.42 19.37 -21.99
N4 C58 R . -5.89 18.28 -15.89
C5 C58 R . -6.53 18.78 -22.89
C6 C58 R . -6.77 19.25 -24.25
C7 C58 R . -7.80 20.13 -24.32
C8 C58 R . -8.32 20.79 -25.56
C9 C58 R . -7.38 20.56 -26.72
C10 C58 R . -6.81 19.15 -26.72
C11 C58 R . -5.99 18.88 -25.48
C12 C58 R . -6.30 18.32 -18.74
C13 C58 R . -7.14 18.97 -17.84
C14 C58 R . -6.89 18.91 -16.48
C15 C58 R . -5.09 17.65 -16.76
C16 C58 R . -5.24 17.64 -18.14
C17 C58 R . -3.68 14.00 -21.23
C18 C58 R . -2.99 14.49 -19.97
C19 C58 R . -1.82 15.24 -20.02
C20 C58 R . -1.19 15.68 -18.87
C21 C58 R . -1.68 15.39 -17.61
C22 C58 R . -2.84 14.65 -17.56
C23 C58 R . -3.48 14.21 -18.71
H C58 R . -5.28 15.44 -20.97
HN C58 R . -6.56 14.70 -22.57
HNA C58 R . -5.47 13.51 -22.94
H1 C58 R . -3.16 15.79 -23.16
H1A C58 R . -3.19 16.66 -21.67
HN1 C58 R . -4.62 17.37 -24.02
H8 C58 R . -8.46 21.85 -25.38
H8A C58 R . -9.32 20.40 -25.77
H9 C58 R . -6.57 21.29 -26.70
H9A C58 R . -7.89 20.74 -27.66
H10 C58 R . -7.60 18.41 -26.81
H10A C58 R . -6.19 19.00 -27.61
H11 C58 R . -5.04 19.42 -25.52
H11A C58 R . -5.72 17.83 -25.41
H13 C58 R . -6.28 18.41 -17.46
H14 C58 R . -6.17 18.37 -17.08
H15 C58 R . -5.95 18.22 -17.12
H16 C58 R . -5.94 18.18 -17.51
H17 C58 R . -2.91 13.76 -21.97
H17A C58 R . -4.19 13.06 -21.03
H19 C58 R . -2.25 14.99 -19.05
H20 C58 R . -2.10 15.09 -18.79
H21 C58 R . -1.18 15.73 -16.71
H22 C58 R . -2.42 14.89 -18.53
H23 C58 R . -2.56 14.80 -18.80
C1 EDO S . -32.97 10.17 -28.51
O1 EDO S . -32.91 10.06 -29.93
C2 EDO S . -31.95 11.17 -27.99
O2 EDO S . -32.23 12.49 -28.48
H11 EDO S . -32.78 9.19 -28.06
H12 EDO S . -33.97 10.49 -28.21
HO1 EDO S . -33.56 9.42 -30.24
H21 EDO S . -30.95 10.88 -28.31
H22 EDO S . -31.96 11.19 -26.90
HO2 EDO S . -31.57 13.11 -28.14
C1 EDO T . -7.89 15.93 -28.68
O1 EDO T . -8.83 16.15 -27.63
C2 EDO T . -7.98 17.05 -29.71
O2 EDO T . -7.36 16.64 -30.94
H11 EDO T . -8.09 14.97 -29.16
H12 EDO T . -6.88 15.91 -28.26
HO1 EDO T . -8.77 15.44 -26.98
H21 EDO T . -7.48 17.95 -29.33
H22 EDO T . -9.02 17.30 -29.90
HO2 EDO T . -7.42 17.36 -31.59
C1 EDO U . -8.27 0.61 -26.79
O1 EDO U . -6.98 0.04 -26.59
C2 EDO U . -8.53 0.82 -28.29
O2 EDO U . -7.68 1.86 -28.80
H11 EDO U . -8.33 1.57 -26.27
H12 EDO U . -9.04 -0.04 -26.38
HO1 EDO U . -6.84 -0.10 -25.64
H21 EDO U . -9.57 1.10 -28.44
H22 EDO U . -8.34 -0.12 -28.82
HO2 EDO U . -7.85 1.98 -29.74
C1 EDO V . -29.91 11.02 -20.58
O1 EDO V . -28.90 11.54 -19.72
C2 EDO V . -29.63 11.46 -22.02
O2 EDO V . -30.66 10.99 -22.90
H11 EDO V . -30.89 11.38 -20.27
H12 EDO V . -29.92 9.92 -20.53
HO1 EDO V . -29.08 11.24 -18.80
H21 EDO V . -28.67 11.06 -22.34
H22 EDO V . -29.58 12.55 -22.06
HO2 EDO V . -30.47 11.28 -23.80
I IOD W . -30.68 -30.02 15.51
I IOD X . 15.52 -30.63 15.10
I IOD Y . -16.02 -27.03 19.25
I IOD Z . -10.74 -29.31 10.99
CL CL AA . 6.46 -13.14 33.74
C C58 BA . -7.59 -35.91 18.40
N C58 BA . -7.62 -34.86 19.43
S C58 BA . -11.44 -31.56 14.60
C1 C58 BA . -9.05 -36.32 18.06
N1 C58 BA . -9.85 -35.15 17.76
C2 C58 BA . -9.85 -34.59 16.55
N2 C58 BA . -9.11 -35.16 15.58
C3 C58 BA . -9.09 -34.64 14.36
N3 C58 BA . -9.74 -33.53 13.96
C4 C58 BA . -10.48 -32.97 14.93
N4 C58 BA . -6.98 -36.88 11.27
C5 C58 BA . -10.62 -33.41 16.23
C6 C58 BA . -11.56 -32.58 16.98
C7 C58 BA . -12.04 -31.56 16.23
C8 C58 BA . -13.04 -30.53 16.67
C9 C58 BA . -13.65 -30.91 18.00
C10 C58 BA . -12.60 -31.47 18.95
C11 C58 BA . -11.98 -32.75 18.41
C12 C58 BA . -8.35 -35.39 13.32
C13 C58 BA . -8.26 -34.96 12.00
C14 C58 BA . -7.59 -35.71 11.05
C15 C58 BA . -7.08 -37.28 12.55
C16 C58 BA . -7.73 -36.60 13.56
C17 C58 BA . -6.83 -37.17 18.84
C18 C58 BA . -6.71 -38.16 17.71
C19 C58 BA . -7.49 -39.30 17.64
C20 C58 BA . -7.36 -40.22 16.60
C21 C58 BA . -6.45 -40.04 15.59
C22 C58 BA . -5.67 -38.91 15.64
C23 C58 BA . -5.80 -37.99 16.68
H C58 BA . -7.10 -35.48 17.53
HN C58 BA . -6.82 -34.25 19.38
HNA C58 BA . -7.68 -35.23 20.38
H1 C58 BA . -9.48 -36.87 18.90
H1A C58 BA . -9.07 -37.02 17.23
HN1 C58 BA . -10.43 -34.75 18.50
H8 C58 BA . -13.82 -30.42 15.91
H8A C58 BA . -12.55 -29.56 16.71
H9 C58 BA . -14.45 -31.62 17.86
H9A C58 BA . -14.13 -30.04 18.46
H10 C58 BA . -11.82 -30.73 19.14
H10A C58 BA . -13.05 -31.65 19.93
H11 C58 BA . -12.67 -33.58 18.51
H11A C58 BA . -11.10 -33.02 19.00
H13 C58 BA . -7.79 -35.90 12.28
H14 C58 BA . -7.60 -36.15 12.05
H15 C58 BA . -7.53 -36.34 12.23
H16 C58 BA . -7.70 -36.19 12.55
H17 C58 BA . -7.36 -37.66 19.67
H17A C58 BA . -5.85 -36.92 19.24
H19 C58 BA . -6.76 -39.13 16.85
H20 C58 BA . -6.74 -39.34 16.62
H21 C58 BA . -6.35 -40.76 14.77
H22 C58 BA . -6.41 -39.08 16.43
H23 C58 BA . -6.43 -38.88 16.67
C1 EDO CA . -4.08 -30.07 25.47
O1 EDO CA . -5.04 -29.37 24.69
C2 EDO CA . -3.67 -29.22 26.65
O2 EDO CA . -2.41 -29.65 27.15
H11 EDO CA . -3.21 -30.31 24.86
H12 EDO CA . -4.52 -31.01 25.83
HO1 EDO CA . -5.31 -29.91 23.93
H21 EDO CA . -4.43 -29.29 27.45
H22 EDO CA . -3.61 -28.17 26.35
HO2 EDO CA . -2.15 -29.11 27.90
C1 EDO DA . -13.63 -19.42 24.30
O1 EDO DA . -12.93 -19.73 25.50
C2 EDO DA . -13.89 -20.70 23.50
O2 EDO DA . -14.46 -20.36 22.23
H11 EDO DA . -13.04 -18.72 23.70
H12 EDO DA . -14.58 -18.94 24.55
HO1 EDO DA . -12.77 -18.93 26.01
H21 EDO DA . -12.95 -21.23 23.35
H22 EDO DA . -14.57 -21.35 24.05
HO2 EDO DA . -14.63 -21.18 21.73
C1 EDO EA . 5.62 -20.97 3.75
O1 EDO EA . 5.69 -19.81 4.60
C2 EDO EA . 6.39 -22.11 4.39
O2 EDO EA . 5.79 -23.36 4.02
H11 EDO EA . 6.04 -20.73 2.78
H12 EDO EA . 4.57 -21.24 3.61
HO1 EDO EA . 5.20 -19.08 4.20
H21 EDO EA . 6.37 -22.01 5.48
H22 EDO EA . 7.43 -22.09 4.05
HO2 EDO EA . 6.28 -24.09 4.42
#